data_5H12
#
_entry.id   5H12
#
_cell.length_a   77.005
_cell.length_b   112.026
_cell.length_c   111.812
_cell.angle_alpha   90.00
_cell.angle_beta   90.00
_cell.angle_gamma   90.00
#
_symmetry.space_group_name_H-M   'P 21 21 21'
#
loop_
_entity.id
_entity.type
_entity.pdbx_description
1 polymer 'Deep Vent DNA Polymerase'
2 water water
#
_entity_poly.entity_id   1
_entity_poly.type   'polypeptide(L)'
_entity_poly.pdbx_seq_one_letter_code
;MILDADYITEDGKPIIRIFKKENGEFKVEYDRNFRPYIYALLKDDSQIDEVRKITAERHGKIVRIIDAEKVRKKFLGRPI
EVWRLYFEHPQDVPAIRDKIREHSAVIDIFEYDIPFAKRYLIDKGLIPMEGDEELKLLAFDIETLYHEGEEFAKGPIIMI
SYADEEEAKVITWKKIDLPYVEVVSSEREMIKRFLKVIREKDPDVIITYNGDSFDLPYLVKRAEKLGIKLPLGRDGSEPK
MQRLGDMTAVEIKGRIHFDLYHVIRRTINLPTYTLEAVYEAIFGKPKEKVYAHEIAEAWETGKGLERVAKYSMEDAKVTY
ELGREFFPMEAQLSRLVGQPLWDVSRSSTGNLVEWYLLRKAYERNELAPNKPDEREYERRLRESYAGGYVKEPEKGLWEG
LVSLDFRSLYPSIIITHNVSPDTLNREGCREYDVAPEVGHKFCKDFPGFIPSLLKRLLDERQEIKRKMKASKDPIEKKML
DYRQRAIKILANSYYGYYGYAKARWYCKECAESVTAWGREYIEFVRKELEEKFGFKVLYIDTDGLYATIPGAKPEEIKKK
ALEFVDYINAKLPGLLELEYEGFYVRGFFVTKKKYALIDEEGKIITRGLEIVRRDWSEIAKETQAKVLEAILKHGNVEEA
VKIVKEVTEKLSKYEIPPEKLVIYEQITRPLHEYKAIGPHVAVAKRLAARGVKVRPGMVIGYIVLRGDGPISKRAILAEE
FDLRKHKYDAEYYIENQVLPAVLRILEAFGYRKEDLRWQKTKQTGLTAWLNIKKK
;
_entity_poly.pdbx_strand_id   A
#
# COMPACT_ATOMS: atom_id res chain seq x y z
N MET A 1 0.47 -9.76 26.04
CA MET A 1 0.08 -8.57 25.30
C MET A 1 -1.38 -8.65 24.86
N ILE A 2 -2.00 -7.49 24.67
CA ILE A 2 -3.38 -7.44 24.21
C ILE A 2 -3.39 -7.71 22.70
N LEU A 3 -4.12 -8.74 22.30
CA LEU A 3 -4.22 -9.11 20.90
C LEU A 3 -5.39 -8.43 20.21
N ASP A 4 -6.55 -8.37 20.87
CA ASP A 4 -7.75 -7.83 20.28
C ASP A 4 -8.76 -7.57 21.38
N ALA A 5 -9.85 -6.90 21.02
CA ALA A 5 -10.96 -6.65 21.94
C ALA A 5 -12.26 -6.59 21.17
N ASP A 6 -13.33 -7.11 21.78
CA ASP A 6 -14.67 -7.01 21.24
C ASP A 6 -15.65 -6.96 22.41
N TYR A 7 -16.94 -7.17 22.13
CA TYR A 7 -17.93 -7.19 23.18
C TYR A 7 -18.99 -8.24 22.87
N ILE A 8 -19.45 -8.91 23.92
CA ILE A 8 -20.62 -9.77 23.84
C ILE A 8 -21.73 -9.13 24.66
N THR A 9 -22.93 -9.68 24.53
CA THR A 9 -24.11 -9.17 25.23
C THR A 9 -24.59 -10.21 26.24
N GLU A 10 -24.92 -9.75 27.44
CA GLU A 10 -25.49 -10.62 28.48
C GLU A 10 -26.67 -9.91 29.12
N ASP A 11 -27.86 -10.46 28.92
CA ASP A 11 -29.10 -9.87 29.42
C ASP A 11 -29.24 -8.42 28.98
N GLY A 12 -28.83 -8.15 27.74
CA GLY A 12 -28.90 -6.82 27.18
C GLY A 12 -27.72 -5.92 27.52
N LYS A 13 -26.89 -6.29 28.48
CA LYS A 13 -25.77 -5.43 28.81
C LYS A 13 -24.54 -5.83 27.99
N PRO A 14 -23.75 -4.86 27.54
CA PRO A 14 -22.52 -5.19 26.81
C PRO A 14 -21.40 -5.53 27.79
N ILE A 15 -20.60 -6.53 27.41
CA ILE A 15 -19.48 -6.98 28.23
C ILE A 15 -18.23 -6.98 27.34
N ILE A 16 -17.26 -6.13 27.71
CA ILE A 16 -16.01 -6.04 26.95
C ILE A 16 -15.17 -7.30 27.19
N ARG A 17 -14.60 -7.83 26.11
CA ARG A 17 -13.64 -8.93 26.20
C ARG A 17 -12.29 -8.45 25.67
N ILE A 18 -11.24 -8.72 26.44
CA ILE A 18 -9.88 -8.36 26.07
C ILE A 18 -9.12 -9.66 25.83
N PHE A 19 -8.79 -9.93 24.57
CA PHE A 19 -8.07 -11.15 24.20
C PHE A 19 -6.58 -10.89 24.36
N LYS A 20 -5.96 -11.57 25.32
CA LYS A 20 -4.55 -11.41 25.63
C LYS A 20 -3.81 -12.72 25.48
N LYS A 21 -2.57 -12.63 25.01
CA LYS A 21 -1.59 -13.70 25.15
C LYS A 21 -0.58 -13.23 26.19
N GLU A 22 -0.38 -14.03 27.24
CA GLU A 22 0.28 -13.52 28.43
C GLU A 22 1.19 -14.60 29.02
N ASN A 23 2.48 -14.49 28.72
CA ASN A 23 3.50 -15.50 29.02
C ASN A 23 3.12 -16.85 28.43
N GLY A 24 2.82 -16.84 27.13
CA GLY A 24 2.53 -18.04 26.38
C GLY A 24 1.20 -18.69 26.68
N GLU A 25 0.30 -17.99 27.38
CA GLU A 25 -0.99 -18.55 27.77
C GLU A 25 -2.10 -17.60 27.36
N PHE A 26 -3.09 -18.13 26.64
CA PHE A 26 -4.23 -17.31 26.21
C PHE A 26 -5.09 -16.95 27.41
N LYS A 27 -5.53 -15.69 27.45
CA LYS A 27 -6.24 -15.16 28.60
C LYS A 27 -7.27 -14.16 28.13
N VAL A 28 -8.44 -14.15 28.79
CA VAL A 28 -9.55 -13.27 28.43
C VAL A 28 -9.99 -12.53 29.69
N GLU A 29 -9.92 -11.20 29.64
CA GLU A 29 -10.48 -10.35 30.68
C GLU A 29 -11.84 -9.84 30.25
N TYR A 30 -12.75 -9.70 31.22
CA TYR A 30 -14.10 -9.22 30.98
C TYR A 30 -14.34 -7.93 31.74
N ASP A 31 -14.94 -6.96 31.07
CA ASP A 31 -15.32 -5.70 31.69
C ASP A 31 -16.79 -5.44 31.37
N ARG A 32 -17.61 -5.33 32.42
CA ARG A 32 -19.05 -5.17 32.26
C ARG A 32 -19.55 -3.81 32.71
N ASN A 33 -18.66 -2.93 33.16
CA ASN A 33 -19.02 -1.62 33.69
C ASN A 33 -18.62 -0.49 32.74
N PHE A 34 -18.55 -0.77 31.44
CA PHE A 34 -18.28 0.23 30.43
C PHE A 34 -19.51 0.42 29.55
N ARG A 35 -19.85 1.68 29.26
CA ARG A 35 -21.11 1.98 28.60
C ARG A 35 -20.89 2.94 27.45
N PRO A 36 -21.67 2.81 26.38
CA PRO A 36 -21.53 3.71 25.23
C PRO A 36 -22.06 5.10 25.55
N TYR A 37 -21.54 6.07 24.82
CA TYR A 37 -21.94 7.46 25.01
C TYR A 37 -21.71 8.24 23.73
N ILE A 38 -22.40 9.37 23.63
CA ILE A 38 -22.16 10.37 22.61
C ILE A 38 -22.11 11.73 23.29
N TYR A 39 -21.73 12.74 22.52
CA TYR A 39 -21.72 14.12 22.99
C TYR A 39 -22.78 14.92 22.25
N ALA A 40 -23.37 15.88 22.94
CA ALA A 40 -24.43 16.71 22.37
C ALA A 40 -24.21 18.16 22.77
N LEU A 41 -24.11 19.04 21.77
CA LEU A 41 -24.00 20.47 22.01
C LEU A 41 -25.41 21.07 22.00
N LEU A 42 -25.86 21.55 23.17
CA LEU A 42 -27.20 22.09 23.31
C LEU A 42 -27.19 23.60 23.19
N LYS A 43 -28.29 24.14 22.65
CA LYS A 43 -28.47 25.58 22.63
C LYS A 43 -28.60 26.16 24.03
N ASP A 44 -29.08 25.36 24.98
CA ASP A 44 -29.31 25.84 26.34
C ASP A 44 -29.42 24.63 27.27
N ASP A 45 -28.93 24.81 28.50
CA ASP A 45 -28.96 23.72 29.47
C ASP A 45 -30.34 23.50 30.07
N SER A 46 -31.24 24.49 30.00
CA SER A 46 -32.57 24.31 30.55
C SER A 46 -33.35 23.18 29.88
N GLN A 47 -32.94 22.77 28.68
CA GLN A 47 -33.68 21.80 27.90
C GLN A 47 -33.00 20.43 27.86
N ILE A 48 -32.06 20.17 28.77
CA ILE A 48 -31.46 18.84 28.81
C ILE A 48 -32.48 17.80 29.25
N ASP A 49 -33.41 18.17 30.14
CA ASP A 49 -34.45 17.24 30.55
C ASP A 49 -35.42 16.95 29.42
N GLU A 50 -35.64 17.91 28.53
CA GLU A 50 -36.47 17.66 27.35
C GLU A 50 -35.75 16.73 26.38
N VAL A 51 -34.43 16.87 26.25
CA VAL A 51 -33.67 15.98 25.38
C VAL A 51 -33.59 14.58 25.97
N ARG A 52 -33.53 14.48 27.29
CA ARG A 52 -33.49 13.16 27.92
C ARG A 52 -34.80 12.40 27.81
N LYS A 53 -35.83 12.98 27.17
CA LYS A 53 -37.05 12.27 26.86
C LYS A 53 -37.03 11.61 25.49
N ILE A 54 -36.01 11.89 24.67
CA ILE A 54 -35.94 11.30 23.34
C ILE A 54 -35.80 9.79 23.45
N THR A 55 -36.63 9.07 22.71
CA THR A 55 -36.62 7.61 22.71
C THR A 55 -36.67 7.08 21.29
N ALA A 56 -36.21 5.85 21.13
CA ALA A 56 -36.27 5.14 19.86
C ALA A 56 -36.55 3.66 20.16
N GLU A 57 -36.62 2.86 19.11
CA GLU A 57 -36.86 1.43 19.29
C GLU A 57 -35.99 0.63 18.33
N ARG A 58 -35.56 -0.54 18.80
CA ARG A 58 -34.88 -1.53 17.97
C ARG A 58 -35.17 -2.91 18.55
N HIS A 59 -35.54 -3.84 17.69
CA HIS A 59 -35.85 -5.22 18.09
C HIS A 59 -36.91 -5.25 19.19
N GLY A 60 -37.91 -4.39 19.05
CA GLY A 60 -39.02 -4.31 19.99
C GLY A 60 -38.80 -3.46 21.23
N LYS A 61 -37.59 -3.48 21.79
CA LYS A 61 -37.33 -2.74 23.01
C LYS A 61 -37.26 -1.24 22.73
N ILE A 62 -37.46 -0.46 23.78
CA ILE A 62 -37.35 0.99 23.70
C ILE A 62 -35.90 1.39 23.96
N VAL A 63 -35.47 2.48 23.34
CA VAL A 63 -34.11 2.99 23.48
C VAL A 63 -34.17 4.31 24.22
N ARG A 64 -33.39 4.42 25.29
CA ARG A 64 -33.44 5.58 26.16
C ARG A 64 -32.04 6.12 26.44
N ILE A 65 -31.98 7.43 26.72
CA ILE A 65 -30.82 8.05 27.32
C ILE A 65 -30.88 7.75 28.82
N ILE A 66 -29.93 6.94 29.30
CA ILE A 66 -29.98 6.49 30.69
C ILE A 66 -29.20 7.38 31.64
N ASP A 67 -28.38 8.29 31.13
CA ASP A 67 -27.61 9.18 31.99
C ASP A 67 -27.08 10.34 31.18
N ALA A 68 -27.00 11.51 31.81
CA ALA A 68 -26.46 12.71 31.20
C ALA A 68 -25.44 13.33 32.15
N GLU A 69 -24.42 13.96 31.56
CA GLU A 69 -23.29 14.46 32.33
C GLU A 69 -22.65 15.62 31.57
N LYS A 70 -22.63 16.80 32.19
CA LYS A 70 -22.10 17.98 31.53
C LYS A 70 -20.58 18.03 31.67
N VAL A 71 -19.90 18.21 30.54
CA VAL A 71 -18.45 18.14 30.46
C VAL A 71 -17.96 19.30 29.62
N ARG A 72 -16.86 19.92 30.04
CA ARG A 72 -16.24 21.01 29.30
C ARG A 72 -14.99 20.50 28.60
N LYS A 73 -14.98 20.59 27.27
CA LYS A 73 -13.87 20.08 26.47
C LYS A 73 -13.33 21.16 25.56
N LYS A 74 -12.43 20.79 24.65
CA LYS A 74 -11.88 21.69 23.65
C LYS A 74 -12.21 21.14 22.26
N PHE A 75 -12.80 21.99 21.42
CA PHE A 75 -13.07 21.63 20.03
C PHE A 75 -12.20 22.52 19.15
N LEU A 76 -11.12 21.93 18.61
CA LEU A 76 -10.16 22.65 17.78
C LEU A 76 -9.63 23.89 18.51
N GLY A 77 -9.18 23.67 19.75
CA GLY A 77 -8.58 24.71 20.56
C GLY A 77 -9.56 25.53 21.38
N ARG A 78 -10.82 25.64 20.93
CA ARG A 78 -11.75 26.48 21.70
C ARG A 78 -12.40 25.69 22.82
N PRO A 79 -12.56 26.29 24.00
CA PRO A 79 -13.32 25.63 25.05
C PRO A 79 -14.79 25.49 24.66
N ILE A 80 -15.35 24.31 24.93
CA ILE A 80 -16.73 24.00 24.57
C ILE A 80 -17.35 23.23 25.72
N GLU A 81 -18.61 23.53 26.03
CA GLU A 81 -19.38 22.79 27.03
C GLU A 81 -20.34 21.87 26.30
N VAL A 82 -20.26 20.57 26.62
CA VAL A 82 -21.00 19.55 25.89
C VAL A 82 -21.56 18.55 26.88
N TRP A 83 -22.70 17.95 26.52
CA TRP A 83 -23.38 16.98 27.37
C TRP A 83 -23.05 15.57 26.90
N ARG A 84 -22.53 14.75 27.81
CA ARG A 84 -22.24 13.35 27.51
C ARG A 84 -23.47 12.51 27.83
N LEU A 85 -24.06 11.91 26.79
CA LEU A 85 -25.28 11.14 26.92
C LEU A 85 -24.96 9.66 26.88
N TYR A 86 -25.25 8.96 27.98
CA TYR A 86 -24.95 7.54 28.08
C TYR A 86 -26.13 6.70 27.61
N PHE A 87 -25.82 5.47 27.17
CA PHE A 87 -26.83 4.52 26.73
C PHE A 87 -26.49 3.16 27.31
N GLU A 88 -27.45 2.25 27.23
CA GLU A 88 -27.26 0.92 27.81
C GLU A 88 -26.42 0.02 26.91
N HIS A 89 -26.76 -0.05 25.62
CA HIS A 89 -26.11 -0.96 24.69
C HIS A 89 -25.51 -0.19 23.52
N PRO A 90 -24.36 -0.62 23.01
CA PRO A 90 -23.74 0.09 21.88
C PRO A 90 -24.63 0.18 20.66
N GLN A 91 -25.44 -0.84 20.39
CA GLN A 91 -26.35 -0.81 19.25
C GLN A 91 -27.58 0.05 19.49
N ASP A 92 -27.72 0.63 20.67
CA ASP A 92 -28.75 1.65 20.87
C ASP A 92 -28.38 2.95 20.18
N VAL A 93 -27.08 3.25 20.11
CA VAL A 93 -26.64 4.54 19.57
C VAL A 93 -27.11 4.77 18.13
N PRO A 94 -26.82 3.86 17.19
CA PRO A 94 -27.27 4.12 15.80
C PRO A 94 -28.78 4.25 15.66
N ALA A 95 -29.56 3.73 16.60
CA ALA A 95 -31.02 3.84 16.51
C ALA A 95 -31.54 5.16 17.06
N ILE A 96 -30.74 5.90 17.82
CA ILE A 96 -31.17 7.13 18.45
C ILE A 96 -30.28 8.32 18.10
N ARG A 97 -29.24 8.11 17.29
CA ARG A 97 -28.34 9.19 16.91
C ARG A 97 -29.09 10.36 16.28
N ASP A 98 -29.81 10.08 15.19
CA ASP A 98 -30.41 11.14 14.39
C ASP A 98 -31.49 11.88 15.16
N LYS A 99 -32.29 11.16 15.96
CA LYS A 99 -33.37 11.82 16.70
C LYS A 99 -32.83 12.80 17.73
N ILE A 100 -31.65 12.54 18.30
CA ILE A 100 -31.06 13.49 19.23
C ILE A 100 -30.55 14.71 18.48
N ARG A 101 -29.96 14.51 17.29
CA ARG A 101 -29.50 15.64 16.50
C ARG A 101 -30.66 16.45 15.94
N GLU A 102 -31.69 15.78 15.45
CA GLU A 102 -32.84 16.47 14.87
C GLU A 102 -33.65 17.23 15.90
N HIS A 103 -33.35 17.08 17.19
CA HIS A 103 -34.06 17.83 18.21
C HIS A 103 -33.70 19.30 18.15
N SER A 104 -34.69 20.17 18.36
CA SER A 104 -34.48 21.61 18.21
C SER A 104 -33.54 22.17 19.27
N ALA A 105 -33.38 21.50 20.41
CA ALA A 105 -32.50 21.98 21.47
C ALA A 105 -31.05 21.59 21.26
N VAL A 106 -30.75 20.78 20.24
CA VAL A 106 -29.42 20.22 20.03
C VAL A 106 -28.82 20.86 18.78
N ILE A 107 -27.63 21.43 18.93
CA ILE A 107 -26.93 22.02 17.79
C ILE A 107 -26.30 20.93 16.93
N ASP A 108 -25.54 20.04 17.57
CA ASP A 108 -24.84 18.98 16.84
C ASP A 108 -24.49 17.88 17.84
N ILE A 109 -24.11 16.72 17.31
CA ILE A 109 -23.66 15.60 18.12
C ILE A 109 -22.25 15.21 17.66
N PHE A 110 -21.52 14.56 18.57
CA PHE A 110 -20.11 14.26 18.34
C PHE A 110 -19.80 12.86 18.87
N GLU A 111 -18.77 12.25 18.26
CA GLU A 111 -18.24 10.95 18.69
C GLU A 111 -19.35 9.93 18.87
N TYR A 112 -20.15 9.78 17.82
CA TYR A 112 -21.34 8.93 17.84
C TYR A 112 -21.17 7.65 17.03
N ASP A 113 -20.00 7.43 16.42
CA ASP A 113 -19.82 6.30 15.52
C ASP A 113 -18.47 5.62 15.71
N ILE A 114 -17.97 5.58 16.95
CA ILE A 114 -16.73 4.87 17.26
C ILE A 114 -17.09 3.44 17.66
N PRO A 115 -16.44 2.42 17.09
CA PRO A 115 -16.71 1.05 17.52
C PRO A 115 -16.50 0.90 19.02
N PHE A 116 -17.38 0.10 19.64
CA PHE A 116 -17.47 0.07 21.10
C PHE A 116 -16.17 -0.41 21.74
N ALA A 117 -15.60 -1.50 21.20
CA ALA A 117 -14.39 -2.06 21.80
C ALA A 117 -13.19 -1.15 21.63
N LYS A 118 -13.10 -0.43 20.50
CA LYS A 118 -12.01 0.51 20.30
C LYS A 118 -12.20 1.77 21.13
N ARG A 119 -13.45 2.19 21.33
CA ARG A 119 -13.73 3.23 22.31
C ARG A 119 -13.20 2.83 23.68
N TYR A 120 -13.33 1.55 24.02
CA TYR A 120 -12.82 1.06 25.30
C TYR A 120 -11.30 1.13 25.36
N LEU A 121 -10.62 0.74 24.27
CA LEU A 121 -9.17 0.77 24.26
C LEU A 121 -8.65 2.20 24.44
N ILE A 122 -9.31 3.17 23.83
CA ILE A 122 -8.87 4.56 23.93
C ILE A 122 -9.13 5.09 25.35
N ASP A 123 -10.36 4.95 25.83
CA ASP A 123 -10.72 5.53 27.12
C ASP A 123 -9.93 4.91 28.27
N LYS A 124 -9.61 3.62 28.17
CA LYS A 124 -8.84 2.96 29.21
C LYS A 124 -7.33 3.06 29.00
N GLY A 125 -6.88 3.59 27.86
CA GLY A 125 -5.46 3.75 27.62
C GLY A 125 -4.72 2.46 27.36
N LEU A 126 -5.37 1.48 26.76
CA LEU A 126 -4.76 0.18 26.51
C LEU A 126 -4.15 0.14 25.12
N ILE A 127 -2.92 -0.35 25.03
CA ILE A 127 -2.17 -0.41 23.78
C ILE A 127 -1.98 -1.87 23.41
N PRO A 128 -2.52 -2.33 22.27
CA PRO A 128 -2.28 -3.70 21.84
C PRO A 128 -0.84 -3.91 21.38
N MET A 129 -0.46 -5.19 21.33
CA MET A 129 0.83 -5.62 20.78
C MET A 129 2.01 -5.02 21.55
N GLU A 130 1.87 -4.87 22.87
CA GLU A 130 2.91 -4.32 23.73
C GLU A 130 3.42 -5.42 24.65
N GLY A 131 4.69 -5.74 24.55
CA GLY A 131 5.27 -6.72 25.46
C GLY A 131 6.33 -7.56 24.77
N ASP A 132 6.54 -8.76 25.32
CA ASP A 132 7.58 -9.68 24.87
C ASP A 132 7.04 -10.91 24.13
N GLU A 133 5.72 -11.13 24.15
CA GLU A 133 5.16 -12.44 23.85
C GLU A 133 5.61 -12.99 22.50
N GLU A 134 5.96 -14.27 22.49
CA GLU A 134 6.13 -15.02 21.25
C GLU A 134 4.75 -15.45 20.77
N LEU A 135 4.26 -14.82 19.71
CA LEU A 135 2.99 -15.23 19.12
C LEU A 135 3.20 -16.40 18.18
N LYS A 136 2.29 -17.36 18.22
CA LYS A 136 2.36 -18.52 17.34
C LYS A 136 1.62 -18.21 16.05
N LEU A 137 2.33 -18.24 14.93
CA LEU A 137 1.78 -17.90 13.63
C LEU A 137 1.59 -19.17 12.81
N LEU A 138 0.48 -19.23 12.08
CA LEU A 138 0.18 -20.34 11.18
C LEU A 138 -0.52 -19.78 9.94
N ALA A 139 -0.04 -20.19 8.77
CA ALA A 139 -0.63 -19.78 7.51
C ALA A 139 -1.41 -20.93 6.91
N PHE A 140 -2.43 -20.61 6.12
CA PHE A 140 -3.19 -21.64 5.43
C PHE A 140 -3.78 -21.06 4.14
N ASP A 141 -4.05 -21.94 3.20
CA ASP A 141 -4.72 -21.58 1.96
C ASP A 141 -5.40 -22.83 1.41
N ILE A 142 -6.17 -22.64 0.34
CA ILE A 142 -6.96 -23.71 -0.24
C ILE A 142 -6.79 -23.70 -1.75
N GLU A 143 -7.11 -24.83 -2.36
CA GLU A 143 -7.31 -24.92 -3.80
C GLU A 143 -8.74 -25.38 -4.06
N THR A 144 -9.30 -24.94 -5.18
CA THR A 144 -10.68 -25.24 -5.51
C THR A 144 -10.76 -25.74 -6.96
N LEU A 145 -11.63 -26.70 -7.22
CA LEU A 145 -11.89 -27.04 -8.61
C LEU A 145 -12.83 -26.00 -9.19
N TYR A 146 -12.41 -25.41 -10.29
CA TYR A 146 -13.12 -24.33 -10.89
C TYR A 146 -13.38 -24.65 -12.35
N HIS A 147 -14.59 -24.40 -12.79
CA HIS A 147 -14.97 -24.49 -14.19
C HIS A 147 -15.51 -23.13 -14.61
N GLU A 148 -15.16 -22.71 -15.82
CA GLU A 148 -15.53 -21.38 -16.31
C GLU A 148 -17.03 -21.17 -16.21
N GLY A 149 -17.43 -20.06 -15.59
CA GLY A 149 -18.82 -19.71 -15.43
C GLY A 149 -19.40 -20.02 -14.07
N GLU A 150 -18.73 -20.81 -13.24
CA GLU A 150 -19.24 -21.13 -11.92
C GLU A 150 -19.23 -19.90 -11.03
N GLU A 151 -20.18 -19.87 -10.10
CA GLU A 151 -20.53 -18.66 -9.35
C GLU A 151 -19.93 -18.63 -7.94
N PHE A 152 -18.66 -19.01 -7.81
CA PHE A 152 -17.95 -19.01 -6.54
C PHE A 152 -18.50 -20.05 -5.57
N ALA A 153 -17.64 -20.96 -5.13
CA ALA A 153 -17.91 -22.03 -4.16
C ALA A 153 -18.84 -23.11 -4.70
N LYS A 154 -19.12 -23.10 -6.01
CA LYS A 154 -19.89 -24.19 -6.60
C LYS A 154 -19.12 -25.51 -6.50
N GLY A 155 -17.89 -25.52 -7.01
CA GLY A 155 -17.03 -26.68 -6.89
C GLY A 155 -16.49 -26.83 -5.48
N PRO A 156 -16.06 -28.04 -5.14
CA PRO A 156 -15.59 -28.29 -3.77
C PRO A 156 -14.19 -27.75 -3.54
N ILE A 157 -13.81 -27.69 -2.27
CA ILE A 157 -12.44 -27.36 -1.90
C ILE A 157 -11.59 -28.61 -2.04
N ILE A 158 -10.48 -28.52 -2.76
CA ILE A 158 -9.48 -29.58 -2.77
C ILE A 158 -8.18 -29.05 -2.17
N MET A 159 -7.62 -29.81 -1.24
CA MET A 159 -6.39 -29.47 -0.54
C MET A 159 -6.60 -28.25 0.34
N ILE A 160 -6.41 -28.45 1.63
CA ILE A 160 -6.27 -27.35 2.57
C ILE A 160 -4.86 -27.48 3.13
N SER A 161 -3.97 -26.60 2.68
CA SER A 161 -2.58 -26.62 3.10
C SER A 161 -2.35 -25.62 4.22
N TYR A 162 -1.42 -25.95 5.11
CA TYR A 162 -1.05 -25.09 6.22
C TYR A 162 0.44 -25.21 6.48
N ALA A 163 1.04 -24.13 6.97
CA ALA A 163 2.48 -24.10 7.20
C ALA A 163 2.79 -23.19 8.37
N ASP A 164 3.66 -23.66 9.26
CA ASP A 164 4.17 -22.84 10.35
C ASP A 164 5.69 -23.00 10.38
N GLU A 165 6.30 -22.66 11.52
CA GLU A 165 7.76 -22.67 11.61
C GLU A 165 8.34 -24.08 11.62
N GLU A 166 7.54 -25.09 11.94
CA GLU A 166 8.04 -26.45 12.08
C GLU A 166 7.51 -27.41 11.01
N GLU A 167 6.52 -27.02 10.23
CA GLU A 167 5.79 -28.00 9.44
C GLU A 167 5.14 -27.35 8.24
N ALA A 168 4.78 -28.17 7.26
CA ALA A 168 4.00 -27.74 6.10
C ALA A 168 3.31 -28.96 5.54
N LYS A 169 1.99 -29.02 5.66
CA LYS A 169 1.21 -30.18 5.27
C LYS A 169 0.07 -29.77 4.34
N VAL A 170 -0.49 -30.78 3.66
CA VAL A 170 -1.63 -30.59 2.76
C VAL A 170 -2.66 -31.67 3.08
N ILE A 171 -3.91 -31.25 3.24
CA ILE A 171 -5.01 -32.15 3.57
C ILE A 171 -5.91 -32.25 2.34
N THR A 172 -5.94 -33.43 1.73
CA THR A 172 -6.76 -33.69 0.55
C THR A 172 -7.53 -34.98 0.75
N TRP A 173 -8.61 -35.14 -0.03
CA TRP A 173 -9.46 -36.32 0.07
C TRP A 173 -9.31 -37.25 -1.14
N LYS A 174 -8.22 -37.13 -1.89
CA LYS A 174 -7.81 -38.12 -2.86
C LYS A 174 -6.38 -38.56 -2.54
N LYS A 175 -6.05 -39.79 -2.90
CA LYS A 175 -4.80 -40.40 -2.47
C LYS A 175 -3.63 -39.85 -3.29
N ILE A 176 -2.70 -39.18 -2.61
CA ILE A 176 -1.48 -38.67 -3.22
C ILE A 176 -0.34 -39.02 -2.26
N ASP A 177 0.63 -39.81 -2.73
CA ASP A 177 1.61 -40.46 -1.86
C ASP A 177 2.89 -39.63 -1.79
N LEU A 178 2.81 -38.55 -1.01
CA LEU A 178 3.96 -37.77 -0.61
C LEU A 178 3.99 -37.68 0.92
N PRO A 179 5.18 -37.53 1.52
CA PRO A 179 5.25 -37.56 2.99
C PRO A 179 4.49 -36.43 3.67
N TYR A 180 4.30 -35.30 3.00
CA TYR A 180 3.66 -34.14 3.61
C TYR A 180 2.17 -34.02 3.28
N VAL A 181 1.60 -35.00 2.59
CA VAL A 181 0.20 -34.98 2.20
C VAL A 181 -0.56 -35.98 3.06
N GLU A 182 -1.68 -35.54 3.64
CA GLU A 182 -2.53 -36.37 4.48
C GLU A 182 -3.86 -36.58 3.76
N VAL A 183 -4.16 -37.84 3.45
CA VAL A 183 -5.37 -38.19 2.72
C VAL A 183 -6.46 -38.53 3.73
N VAL A 184 -7.64 -37.94 3.55
CA VAL A 184 -8.79 -38.19 4.40
C VAL A 184 -9.96 -38.62 3.53
N SER A 185 -11.12 -38.81 4.17
CA SER A 185 -12.25 -39.44 3.50
C SER A 185 -12.85 -38.55 2.42
N SER A 186 -13.33 -37.36 2.82
CA SER A 186 -14.09 -36.52 1.91
C SER A 186 -13.70 -35.06 2.14
N GLU A 187 -14.37 -34.18 1.39
CA GLU A 187 -14.19 -32.74 1.58
C GLU A 187 -14.62 -32.32 2.99
N ARG A 188 -15.71 -32.92 3.49
CA ARG A 188 -16.16 -32.62 4.84
C ARG A 188 -15.15 -33.10 5.87
N GLU A 189 -14.53 -34.25 5.65
CA GLU A 189 -13.49 -34.73 6.55
C GLU A 189 -12.22 -33.89 6.41
N MET A 190 -11.95 -33.35 5.22
CA MET A 190 -10.81 -32.45 5.06
C MET A 190 -10.99 -31.18 5.87
N ILE A 191 -12.19 -30.60 5.83
CA ILE A 191 -12.49 -29.44 6.67
C ILE A 191 -12.39 -29.80 8.14
N LYS A 192 -12.89 -30.99 8.51
CA LYS A 192 -12.83 -31.42 9.90
C LYS A 192 -11.38 -31.63 10.35
N ARG A 193 -10.55 -32.18 9.47
CA ARG A 193 -9.14 -32.37 9.81
C ARG A 193 -8.41 -31.04 9.99
N PHE A 194 -8.78 -30.04 9.20
CA PHE A 194 -8.17 -28.71 9.36
C PHE A 194 -8.61 -28.05 10.66
N LEU A 195 -9.85 -28.28 11.08
CA LEU A 195 -10.30 -27.77 12.37
C LEU A 195 -9.52 -28.38 13.53
N LYS A 196 -9.12 -29.64 13.40
CA LYS A 196 -8.29 -30.27 14.42
C LYS A 196 -6.90 -29.67 14.43
N VAL A 197 -6.36 -29.33 13.26
CA VAL A 197 -5.05 -28.68 13.19
C VAL A 197 -5.09 -27.33 13.89
N ILE A 198 -6.15 -26.54 13.63
CA ILE A 198 -6.31 -25.27 14.32
C ILE A 198 -6.45 -25.49 15.82
N ARG A 199 -7.20 -26.52 16.21
CA ARG A 199 -7.38 -26.81 17.63
C ARG A 199 -6.09 -27.32 18.26
N GLU A 200 -5.31 -28.12 17.50
CA GLU A 200 -4.05 -28.63 18.02
C GLU A 200 -3.03 -27.51 18.18
N LYS A 201 -2.66 -26.86 17.07
CA LYS A 201 -1.60 -25.85 17.13
C LYS A 201 -2.02 -24.62 17.92
N ASP A 202 -3.32 -24.29 17.90
CA ASP A 202 -3.86 -23.12 18.59
C ASP A 202 -3.06 -21.87 18.26
N PRO A 203 -3.08 -21.40 17.02
CA PRO A 203 -2.24 -20.27 16.65
C PRO A 203 -2.81 -18.94 17.12
N ASP A 204 -1.91 -18.02 17.46
CA ASP A 204 -2.31 -16.67 17.80
C ASP A 204 -2.69 -15.86 16.57
N VAL A 205 -1.98 -16.09 15.46
CA VAL A 205 -2.18 -15.35 14.22
C VAL A 205 -2.46 -16.34 13.11
N ILE A 206 -3.54 -16.09 12.36
CA ILE A 206 -3.91 -16.90 11.20
C ILE A 206 -3.53 -16.10 9.97
N ILE A 207 -2.52 -16.55 9.24
CA ILE A 207 -1.97 -15.84 8.09
C ILE A 207 -2.60 -16.36 6.82
N THR A 208 -3.07 -15.44 5.97
CA THR A 208 -3.56 -15.78 4.65
C THR A 208 -3.03 -14.76 3.65
N TYR A 209 -3.16 -15.09 2.37
CA TYR A 209 -3.01 -14.13 1.29
C TYR A 209 -4.35 -14.09 0.55
N ASN A 210 -5.03 -12.95 0.62
CA ASN A 210 -6.34 -12.75 0.02
C ASN A 210 -7.41 -13.62 0.69
N GLY A 211 -7.18 -13.97 1.96
CA GLY A 211 -8.15 -14.78 2.70
C GLY A 211 -9.44 -14.06 3.04
N ASP A 212 -9.40 -12.73 3.14
CA ASP A 212 -10.61 -11.97 3.38
C ASP A 212 -11.63 -12.15 2.26
N SER A 213 -11.15 -12.23 1.01
CA SER A 213 -12.01 -12.22 -0.16
C SER A 213 -12.19 -13.58 -0.80
N PHE A 214 -11.31 -14.55 -0.52
CA PHE A 214 -11.41 -15.85 -1.19
C PHE A 214 -11.37 -17.01 -0.23
N ASP A 215 -10.25 -17.20 0.46
CA ASP A 215 -10.00 -18.46 1.18
C ASP A 215 -11.07 -18.73 2.22
N LEU A 216 -11.35 -17.76 3.09
CA LEU A 216 -12.28 -18.02 4.19
C LEU A 216 -13.74 -17.89 3.78
N PRO A 217 -14.12 -16.94 2.91
CA PRO A 217 -15.49 -16.99 2.36
C PRO A 217 -15.79 -18.27 1.62
N TYR A 218 -14.79 -18.85 0.93
CA TYR A 218 -14.98 -20.14 0.28
C TYR A 218 -15.20 -21.23 1.33
N LEU A 219 -14.47 -21.16 2.44
CA LEU A 219 -14.68 -22.11 3.53
C LEU A 219 -16.08 -22.00 4.11
N VAL A 220 -16.52 -20.77 4.40
CA VAL A 220 -17.82 -20.55 5.02
C VAL A 220 -18.94 -21.07 4.11
N LYS A 221 -18.78 -20.89 2.80
CA LYS A 221 -19.81 -21.35 1.87
C LYS A 221 -19.82 -22.88 1.77
N ARG A 222 -18.64 -23.48 1.62
CA ARG A 222 -18.59 -24.94 1.49
C ARG A 222 -19.02 -25.63 2.78
N ALA A 223 -18.56 -25.15 3.92
CA ALA A 223 -18.95 -25.76 5.19
C ALA A 223 -20.44 -25.63 5.45
N GLU A 224 -21.07 -24.57 4.93
CA GLU A 224 -22.51 -24.42 5.07
C GLU A 224 -23.24 -25.48 4.28
N LYS A 225 -22.85 -25.69 3.03
CA LYS A 225 -23.49 -26.70 2.19
C LYS A 225 -23.25 -28.11 2.71
N LEU A 226 -22.09 -28.35 3.32
CA LEU A 226 -21.75 -29.67 3.84
C LEU A 226 -22.31 -29.91 5.24
N GLY A 227 -23.04 -28.96 5.80
CA GLY A 227 -23.64 -29.12 7.12
C GLY A 227 -22.61 -29.35 8.20
N ILE A 228 -21.58 -28.51 8.26
CA ILE A 228 -20.56 -28.59 9.29
C ILE A 228 -20.17 -27.18 9.70
N LYS A 229 -20.00 -26.96 11.00
CA LYS A 229 -19.65 -25.66 11.52
C LYS A 229 -18.14 -25.45 11.49
N LEU A 230 -17.73 -24.19 11.61
CA LEU A 230 -16.32 -23.80 11.58
C LEU A 230 -15.98 -23.06 12.87
N PRO A 231 -15.87 -23.77 13.99
CA PRO A 231 -15.53 -23.09 15.25
C PRO A 231 -14.08 -22.67 15.31
N LEU A 232 -13.70 -21.74 14.42
CA LEU A 232 -12.31 -21.32 14.32
C LEU A 232 -11.90 -20.39 15.45
N GLY A 233 -12.85 -19.65 16.02
CA GLY A 233 -12.51 -18.75 17.10
C GLY A 233 -12.18 -19.49 18.38
N ARG A 234 -11.38 -18.84 19.23
CA ARG A 234 -10.97 -19.46 20.49
C ARG A 234 -12.12 -19.58 21.49
N ASP A 235 -13.23 -18.88 21.26
CA ASP A 235 -14.43 -19.07 22.07
C ASP A 235 -15.42 -20.02 21.43
N GLY A 236 -15.03 -20.69 20.35
CA GLY A 236 -15.90 -21.60 19.65
C GLY A 236 -16.79 -20.96 18.61
N SER A 237 -16.54 -19.71 18.25
CA SER A 237 -17.41 -18.98 17.33
C SER A 237 -16.98 -19.22 15.88
N GLU A 238 -17.95 -19.05 14.98
CA GLU A 238 -17.67 -19.10 13.56
C GLU A 238 -16.92 -17.84 13.13
N PRO A 239 -16.23 -17.88 12.00
CA PRO A 239 -15.64 -16.64 11.47
C PRO A 239 -16.72 -15.62 11.14
N LYS A 240 -16.46 -14.37 11.50
CA LYS A 240 -17.43 -13.29 11.33
C LYS A 240 -17.00 -12.37 10.20
N MET A 241 -17.93 -12.04 9.32
CA MET A 241 -17.69 -11.11 8.22
C MET A 241 -17.98 -9.70 8.69
N GLN A 242 -17.05 -8.79 8.42
CA GLN A 242 -17.18 -7.40 8.87
C GLN A 242 -16.96 -6.42 7.73
N THR A 248 -15.03 -6.57 2.01
CA THR A 248 -15.47 -7.27 3.22
C THR A 248 -14.33 -8.11 3.79
N ALA A 249 -14.15 -8.03 5.10
CA ALA A 249 -13.07 -8.74 5.80
C ALA A 249 -13.67 -9.77 6.75
N VAL A 250 -12.79 -10.64 7.25
CA VAL A 250 -13.21 -11.79 8.07
C VAL A 250 -12.46 -11.75 9.39
N GLU A 251 -13.18 -11.90 10.49
CA GLU A 251 -12.62 -11.95 11.84
C GLU A 251 -12.60 -13.38 12.35
N ILE A 252 -11.60 -13.67 13.19
CA ILE A 252 -11.55 -14.88 14.00
C ILE A 252 -11.32 -14.44 15.43
N LYS A 253 -12.27 -14.73 16.32
CA LYS A 253 -12.42 -13.99 17.56
C LYS A 253 -11.17 -14.08 18.45
N GLY A 254 -10.77 -15.30 18.79
CA GLY A 254 -9.64 -15.43 19.70
C GLY A 254 -8.28 -15.13 19.11
N ARG A 255 -8.21 -14.91 17.79
CA ARG A 255 -6.92 -14.81 17.11
C ARG A 255 -6.83 -13.57 16.25
N ILE A 256 -5.77 -13.46 15.46
CA ILE A 256 -5.57 -12.35 14.54
C ILE A 256 -5.53 -12.93 13.13
N HIS A 257 -6.58 -12.67 12.35
CA HIS A 257 -6.57 -13.04 10.94
C HIS A 257 -5.72 -12.02 10.20
N PHE A 258 -4.48 -12.37 9.91
CA PHE A 258 -3.56 -11.50 9.19
C PHE A 258 -3.62 -11.89 7.71
N ASP A 259 -4.38 -11.12 6.93
CA ASP A 259 -4.42 -11.27 5.48
C ASP A 259 -3.35 -10.36 4.89
N LEU A 260 -2.33 -10.95 4.28
CA LEU A 260 -1.19 -10.18 3.77
C LEU A 260 -1.55 -9.31 2.58
N TYR A 261 -2.68 -9.57 1.92
CA TYR A 261 -2.98 -8.86 0.68
C TYR A 261 -3.07 -7.36 0.93
N HIS A 262 -3.71 -6.94 2.02
CA HIS A 262 -3.94 -5.52 2.24
C HIS A 262 -2.63 -4.79 2.55
N VAL A 263 -1.77 -5.39 3.37
CA VAL A 263 -0.51 -4.74 3.72
C VAL A 263 0.40 -4.64 2.50
N ILE A 264 0.56 -5.76 1.77
CA ILE A 264 1.45 -5.78 0.62
C ILE A 264 0.94 -4.83 -0.47
N ARG A 265 -0.38 -4.79 -0.67
CA ARG A 265 -0.96 -3.98 -1.74
C ARG A 265 -0.69 -2.50 -1.54
N ARG A 266 -0.63 -2.03 -0.28
CA ARG A 266 -0.38 -0.63 0.01
C ARG A 266 1.05 -0.37 0.44
N THR A 267 1.93 -1.36 0.37
CA THR A 267 3.34 -1.20 0.71
C THR A 267 4.25 -1.28 -0.51
N ILE A 268 4.02 -2.23 -1.39
CA ILE A 268 4.83 -2.41 -2.60
C ILE A 268 3.93 -2.19 -3.81
N ASN A 269 4.46 -1.52 -4.83
CA ASN A 269 3.76 -1.29 -6.08
C ASN A 269 4.24 -2.30 -7.11
N LEU A 270 3.32 -3.09 -7.64
CA LEU A 270 3.61 -4.14 -8.60
C LEU A 270 2.58 -4.08 -9.72
N PRO A 271 2.90 -4.64 -10.89
CA PRO A 271 1.91 -4.72 -11.97
C PRO A 271 0.69 -5.52 -11.56
N THR A 272 0.88 -6.79 -11.21
CA THR A 272 -0.19 -7.63 -10.69
C THR A 272 0.19 -8.14 -9.31
N TYR A 273 -0.82 -8.47 -8.50
CA TYR A 273 -0.56 -8.91 -7.15
C TYR A 273 -0.94 -10.37 -6.94
N THR A 274 -0.49 -11.24 -7.85
CA THR A 274 -0.55 -12.67 -7.59
C THR A 274 0.42 -13.03 -6.48
N LEU A 275 0.20 -14.22 -5.88
CA LEU A 275 1.09 -14.67 -4.82
C LEU A 275 2.52 -14.87 -5.33
N GLU A 276 2.67 -15.28 -6.59
CA GLU A 276 3.99 -15.51 -7.14
C GLU A 276 4.72 -14.21 -7.44
N ALA A 277 4.01 -13.22 -7.98
CA ALA A 277 4.63 -11.93 -8.25
C ALA A 277 5.07 -11.24 -6.97
N VAL A 278 4.28 -11.37 -5.91
CA VAL A 278 4.64 -10.75 -4.63
C VAL A 278 5.83 -11.46 -3.99
N TYR A 279 5.92 -12.78 -4.16
CA TYR A 279 6.92 -13.55 -3.43
C TYR A 279 8.34 -13.14 -3.81
N GLU A 280 8.66 -13.18 -5.10
CA GLU A 280 10.02 -12.83 -5.52
C GLU A 280 10.24 -11.33 -5.66
N ALA A 281 9.18 -10.53 -5.59
CA ALA A 281 9.38 -9.08 -5.55
C ALA A 281 10.09 -8.63 -4.29
N ILE A 282 10.07 -9.46 -3.24
CA ILE A 282 10.65 -9.07 -1.95
C ILE A 282 11.62 -10.13 -1.44
N PHE A 283 11.62 -11.31 -2.06
CA PHE A 283 12.60 -12.33 -1.72
C PHE A 283 13.51 -12.73 -2.89
N GLY A 284 13.13 -12.43 -4.13
CA GLY A 284 13.98 -12.69 -5.27
C GLY A 284 13.88 -14.09 -5.85
N LYS A 285 13.14 -14.99 -5.23
CA LYS A 285 13.03 -16.36 -5.72
C LYS A 285 11.71 -16.52 -6.47
N PRO A 286 11.73 -16.84 -7.75
CA PRO A 286 10.45 -16.98 -8.47
C PRO A 286 9.71 -18.23 -8.02
N LYS A 287 8.39 -18.12 -8.00
CA LYS A 287 7.51 -19.18 -7.54
C LYS A 287 6.70 -19.70 -8.72
N GLU A 288 6.66 -21.02 -8.87
CA GLU A 288 5.91 -21.61 -9.97
C GLU A 288 4.42 -21.52 -9.70
N LYS A 289 3.66 -21.13 -10.73
CA LYS A 289 2.22 -21.00 -10.67
C LYS A 289 1.57 -22.10 -11.50
N VAL A 290 0.53 -22.72 -10.95
CA VAL A 290 -0.28 -23.71 -11.66
C VAL A 290 -1.70 -23.21 -11.69
N TYR A 291 -2.29 -23.15 -12.87
CA TYR A 291 -3.55 -22.46 -13.09
C TYR A 291 -4.74 -23.38 -12.82
N ALA A 292 -5.94 -22.78 -12.85
CA ALA A 292 -7.14 -23.50 -12.48
C ALA A 292 -7.42 -24.66 -13.43
N HIS A 293 -7.06 -24.52 -14.71
CA HIS A 293 -7.33 -25.59 -15.67
C HIS A 293 -6.48 -26.81 -15.40
N GLU A 294 -5.24 -26.61 -14.95
CA GLU A 294 -4.38 -27.74 -14.61
C GLU A 294 -4.87 -28.42 -13.33
N ILE A 295 -5.20 -27.62 -12.32
CA ILE A 295 -5.67 -28.17 -11.05
C ILE A 295 -6.93 -29.01 -11.25
N ALA A 296 -7.83 -28.53 -12.11
CA ALA A 296 -9.04 -29.29 -12.41
C ALA A 296 -8.69 -30.65 -13.00
N GLU A 297 -8.02 -30.63 -14.15
CA GLU A 297 -7.69 -31.86 -14.88
C GLU A 297 -6.96 -32.87 -14.00
N ALA A 298 -6.00 -32.40 -13.20
CA ALA A 298 -5.27 -33.32 -12.33
C ALA A 298 -6.21 -34.00 -11.34
N TRP A 299 -7.21 -33.28 -10.83
CA TRP A 299 -8.17 -33.86 -9.91
C TRP A 299 -9.17 -34.77 -10.61
N GLU A 300 -9.53 -34.45 -11.86
CA GLU A 300 -10.44 -35.32 -12.61
C GLU A 300 -9.79 -36.68 -12.83
N THR A 301 -8.67 -36.71 -13.54
CA THR A 301 -7.97 -37.94 -13.84
C THR A 301 -7.19 -38.44 -12.63
N GLY A 302 -6.07 -37.79 -12.34
CA GLY A 302 -5.12 -38.24 -11.34
C GLY A 302 -3.72 -37.98 -11.84
N LYS A 303 -3.63 -37.50 -13.07
CA LYS A 303 -2.35 -37.19 -13.71
C LYS A 303 -1.81 -35.89 -13.16
N GLY A 304 -0.67 -35.96 -12.48
CA GLY A 304 0.00 -34.77 -11.99
C GLY A 304 -0.55 -34.20 -10.70
N LEU A 305 -1.20 -35.01 -9.88
CA LEU A 305 -1.69 -34.51 -8.59
C LEU A 305 -0.54 -34.27 -7.62
N GLU A 306 0.57 -35.01 -7.77
CA GLU A 306 1.75 -34.70 -6.98
C GLU A 306 2.26 -33.29 -7.27
N ARG A 307 2.10 -32.84 -8.52
CA ARG A 307 2.49 -31.48 -8.87
C ARG A 307 1.57 -30.45 -8.21
N VAL A 308 0.28 -30.77 -8.07
CA VAL A 308 -0.64 -29.86 -7.42
C VAL A 308 -0.42 -29.86 -5.92
N ALA A 309 -0.11 -31.01 -5.33
CA ALA A 309 0.28 -31.06 -3.93
C ALA A 309 1.56 -30.27 -3.68
N LYS A 310 2.46 -30.24 -4.66
CA LYS A 310 3.61 -29.37 -4.58
C LYS A 310 3.20 -27.90 -4.57
N TYR A 311 2.28 -27.54 -5.49
CA TYR A 311 1.80 -26.16 -5.56
C TYR A 311 1.03 -25.77 -4.31
N SER A 312 0.23 -26.69 -3.76
CA SER A 312 -0.53 -26.39 -2.56
C SER A 312 0.39 -26.18 -1.36
N MET A 313 1.41 -27.04 -1.22
CA MET A 313 2.31 -26.92 -0.09
C MET A 313 3.15 -25.66 -0.18
N GLU A 314 3.65 -25.33 -1.38
CA GLU A 314 4.43 -24.11 -1.55
C GLU A 314 3.57 -22.87 -1.33
N ASP A 315 2.29 -22.93 -1.69
CA ASP A 315 1.40 -21.80 -1.45
C ASP A 315 1.31 -21.47 0.04
N ALA A 316 1.33 -22.50 0.89
CA ALA A 316 1.25 -22.27 2.33
C ALA A 316 2.60 -21.85 2.90
N LYS A 317 3.69 -22.47 2.45
CA LYS A 317 5.01 -22.09 2.94
C LYS A 317 5.36 -20.66 2.54
N VAL A 318 4.95 -20.25 1.34
CA VAL A 318 5.20 -18.88 0.91
C VAL A 318 4.34 -17.90 1.71
N THR A 319 3.07 -18.25 1.93
CA THR A 319 2.19 -17.39 2.72
C THR A 319 2.72 -17.23 4.14
N TYR A 320 3.28 -18.29 4.71
CA TYR A 320 3.85 -18.19 6.05
C TYR A 320 5.10 -17.33 6.05
N GLU A 321 5.96 -17.48 5.04
CA GLU A 321 7.20 -16.71 5.00
C GLU A 321 6.92 -15.22 4.81
N LEU A 322 5.97 -14.88 3.94
CA LEU A 322 5.59 -13.48 3.79
C LEU A 322 4.99 -12.94 5.08
N GLY A 323 4.05 -13.69 5.66
CA GLY A 323 3.42 -13.25 6.89
C GLY A 323 4.39 -13.06 8.03
N ARG A 324 5.49 -13.83 8.03
CA ARG A 324 6.46 -13.70 9.10
C ARG A 324 7.29 -12.43 8.95
N GLU A 325 7.65 -12.07 7.72
CA GLU A 325 8.48 -10.88 7.52
C GLU A 325 7.69 -9.58 7.64
N PHE A 326 6.37 -9.62 7.44
CA PHE A 326 5.55 -8.43 7.56
C PHE A 326 4.91 -8.27 8.93
N PHE A 327 4.88 -9.33 9.74
CA PHE A 327 4.21 -9.24 11.04
C PHE A 327 4.93 -8.31 12.01
N PRO A 328 6.27 -8.36 12.18
CA PRO A 328 6.89 -7.46 13.16
C PRO A 328 6.67 -5.99 12.87
N MET A 329 6.62 -5.61 11.60
CA MET A 329 6.35 -4.22 11.25
C MET A 329 4.92 -3.83 11.59
N GLU A 330 3.95 -4.66 11.18
CA GLU A 330 2.55 -4.37 11.48
C GLU A 330 2.27 -4.44 12.97
N ALA A 331 3.02 -5.25 13.71
CA ALA A 331 2.86 -5.30 15.16
C ALA A 331 3.30 -3.99 15.80
N GLN A 332 4.47 -3.50 15.40
CA GLN A 332 4.94 -2.21 15.92
C GLN A 332 4.06 -1.07 15.45
N LEU A 333 3.50 -1.17 14.24
CA LEU A 333 2.57 -0.16 13.77
C LEU A 333 1.31 -0.14 14.61
N SER A 334 0.77 -1.32 14.94
CA SER A 334 -0.41 -1.40 15.80
C SER A 334 -0.11 -0.84 17.20
N ARG A 335 1.08 -1.14 17.73
CA ARG A 335 1.48 -0.61 19.02
C ARG A 335 1.57 0.92 18.99
N LEU A 336 2.06 1.48 17.89
CA LEU A 336 2.20 2.93 17.80
C LEU A 336 0.85 3.61 17.64
N VAL A 337 -0.04 3.03 16.82
CA VAL A 337 -1.34 3.64 16.60
C VAL A 337 -2.28 3.35 17.77
N GLY A 338 -2.08 2.23 18.46
CA GLY A 338 -2.94 1.88 19.57
C GLY A 338 -4.22 1.19 19.20
N GLN A 339 -4.21 0.40 18.13
CA GLN A 339 -5.38 -0.32 17.65
C GLN A 339 -4.96 -1.73 17.27
N PRO A 340 -5.88 -2.69 17.30
CA PRO A 340 -5.51 -4.08 17.02
C PRO A 340 -4.96 -4.26 15.62
N LEU A 341 -4.10 -5.26 15.46
CA LEU A 341 -3.45 -5.51 14.18
C LEU A 341 -4.47 -5.91 13.11
N TRP A 342 -5.58 -6.51 13.51
CA TRP A 342 -6.63 -6.84 12.54
C TRP A 342 -7.12 -5.59 11.82
N ASP A 343 -7.19 -4.47 12.54
CA ASP A 343 -7.63 -3.21 11.95
C ASP A 343 -6.47 -2.43 11.33
N VAL A 344 -5.29 -2.47 11.94
CA VAL A 344 -4.16 -1.71 11.44
C VAL A 344 -3.72 -2.25 10.07
N SER A 345 -3.70 -3.56 9.91
CA SER A 345 -3.29 -4.18 8.65
C SER A 345 -4.34 -4.04 7.56
N ARG A 346 -5.49 -3.42 7.84
CA ARG A 346 -6.58 -3.33 6.88
C ARG A 346 -7.02 -1.90 6.62
N SER A 347 -6.22 -0.90 7.01
CA SER A 347 -6.59 0.50 6.89
C SER A 347 -5.55 1.26 6.09
N SER A 348 -6.01 2.30 5.39
CA SER A 348 -5.10 3.21 4.71
C SER A 348 -4.33 4.03 5.74
N THR A 349 -3.29 4.73 5.25
CA THR A 349 -2.49 5.55 6.14
C THR A 349 -3.31 6.67 6.76
N GLY A 350 -4.28 7.21 6.03
CA GLY A 350 -5.14 8.24 6.58
C GLY A 350 -5.97 7.74 7.75
N ASN A 351 -6.44 6.50 7.67
CA ASN A 351 -7.19 5.93 8.78
C ASN A 351 -6.28 5.60 9.95
N LEU A 352 -5.02 5.25 9.68
CA LEU A 352 -4.07 5.03 10.76
C LEU A 352 -3.80 6.33 11.53
N VAL A 353 -3.70 7.45 10.81
CA VAL A 353 -3.50 8.73 11.47
C VAL A 353 -4.71 9.09 12.32
N GLU A 354 -5.91 8.85 11.79
CA GLU A 354 -7.12 9.26 12.50
C GLU A 354 -7.29 8.49 13.81
N TRP A 355 -6.97 7.20 13.81
CA TRP A 355 -7.02 6.45 15.07
C TRP A 355 -6.00 6.99 16.07
N TYR A 356 -4.83 7.41 15.58
CA TYR A 356 -3.80 7.92 16.47
C TYR A 356 -4.25 9.22 17.14
N LEU A 357 -4.84 10.14 16.36
CA LEU A 357 -5.28 11.40 16.92
C LEU A 357 -6.50 11.22 17.82
N LEU A 358 -7.44 10.35 17.40
CA LEU A 358 -8.59 10.04 18.25
C LEU A 358 -8.15 9.64 19.65
N ARG A 359 -7.10 8.82 19.74
CA ARG A 359 -6.53 8.48 21.04
C ARG A 359 -5.89 9.70 21.69
N LYS A 360 -5.12 10.47 20.92
CA LYS A 360 -4.49 11.66 21.47
C LYS A 360 -5.51 12.73 21.82
N ALA A 361 -6.58 12.84 21.04
CA ALA A 361 -7.63 13.79 21.36
C ALA A 361 -8.26 13.48 22.71
N TYR A 362 -8.49 12.19 23.00
CA TYR A 362 -9.03 11.82 24.30
C TYR A 362 -8.04 12.11 25.42
N GLU A 363 -6.75 11.86 25.19
CA GLU A 363 -5.75 12.12 26.21
C GLU A 363 -5.63 13.61 26.51
N ARG A 364 -5.93 14.47 25.54
CA ARG A 364 -5.82 15.92 25.69
C ARG A 364 -7.16 16.59 25.94
N ASN A 365 -8.22 15.81 26.16
CA ASN A 365 -9.57 16.35 26.38
C ASN A 365 -10.03 17.17 25.18
N GLU A 366 -9.71 16.70 23.99
CA GLU A 366 -10.11 17.36 22.75
C GLU A 366 -11.32 16.66 22.16
N LEU A 367 -12.36 17.44 21.86
CA LEU A 367 -13.53 16.89 21.20
C LEU A 367 -13.22 16.62 19.73
N ALA A 368 -13.60 15.44 19.25
CA ALA A 368 -13.20 15.11 17.89
C ALA A 368 -14.28 15.53 16.89
N PRO A 369 -13.88 16.13 15.77
CA PRO A 369 -14.85 16.46 14.73
C PRO A 369 -15.46 15.21 14.13
N ASN A 370 -16.65 15.37 13.56
CA ASN A 370 -17.35 14.25 12.97
C ASN A 370 -16.83 13.96 11.56
N LYS A 371 -17.02 12.71 11.14
CA LYS A 371 -16.73 12.36 9.76
C LYS A 371 -17.71 13.07 8.82
N PRO A 372 -17.31 13.36 7.59
CA PRO A 372 -18.19 14.11 6.69
C PRO A 372 -19.38 13.27 6.24
N ASP A 373 -20.49 13.95 6.00
CA ASP A 373 -21.61 13.32 5.33
C ASP A 373 -21.21 13.01 3.88
N GLU A 374 -22.10 12.29 3.19
CA GLU A 374 -21.77 11.87 1.83
C GLU A 374 -21.57 13.07 0.91
N ARG A 375 -22.35 14.13 1.12
CA ARG A 375 -22.27 15.28 0.21
C ARG A 375 -21.03 16.12 0.47
N GLU A 376 -20.70 16.38 1.74
CA GLU A 376 -19.44 17.04 2.05
C GLU A 376 -18.25 16.20 1.62
N TYR A 377 -18.40 14.87 1.64
CA TYR A 377 -17.33 13.99 1.19
C TYR A 377 -17.03 14.20 -0.29
N GLU A 378 -18.08 14.27 -1.12
CA GLU A 378 -17.88 14.48 -2.54
C GLU A 378 -17.39 15.89 -2.85
N ARG A 379 -17.84 16.87 -2.09
CA ARG A 379 -17.34 18.24 -2.27
C ARG A 379 -15.84 18.31 -1.98
N ARG A 380 -15.40 17.58 -0.96
CA ARG A 380 -13.96 17.51 -0.67
C ARG A 380 -13.23 16.82 -1.81
N LEU A 381 -13.83 15.79 -2.41
CA LEU A 381 -13.20 15.11 -3.52
C LEU A 381 -13.08 16.02 -4.74
N ARG A 382 -14.06 16.89 -4.95
CA ARG A 382 -14.01 17.86 -6.04
C ARG A 382 -13.18 19.09 -5.69
N GLU A 383 -12.29 18.99 -4.70
CA GLU A 383 -11.37 20.05 -4.36
C GLU A 383 -9.97 19.69 -4.86
N SER A 384 -9.19 20.72 -5.18
CA SER A 384 -7.83 20.52 -5.64
C SER A 384 -7.00 21.74 -5.25
N TYR A 385 -5.69 21.52 -5.14
CA TYR A 385 -4.76 22.57 -4.81
C TYR A 385 -3.43 22.29 -5.49
N ALA A 386 -2.60 23.32 -5.58
CA ALA A 386 -1.29 23.16 -6.19
C ALA A 386 -0.47 22.13 -5.45
N GLY A 387 0.39 21.43 -6.19
CA GLY A 387 1.25 20.42 -5.63
C GLY A 387 2.68 20.87 -5.51
N GLY A 388 3.60 19.91 -5.64
CA GLY A 388 5.01 20.24 -5.56
C GLY A 388 5.51 20.94 -6.81
N TYR A 389 6.62 21.64 -6.64
CA TYR A 389 7.24 22.38 -7.74
C TYR A 389 8.01 21.41 -8.62
N VAL A 390 7.59 21.27 -9.88
CA VAL A 390 8.24 20.39 -10.84
C VAL A 390 8.74 21.26 -12.00
N LYS A 391 10.01 21.13 -12.32
CA LYS A 391 10.68 21.97 -13.32
C LYS A 391 10.92 21.18 -14.60
N GLU A 392 10.58 21.77 -15.73
CA GLU A 392 11.01 21.21 -17.01
C GLU A 392 12.52 21.21 -17.04
N PRO A 393 13.16 20.04 -17.09
CA PRO A 393 14.60 19.96 -16.80
C PRO A 393 15.45 20.52 -17.93
N GLU A 394 16.72 20.76 -17.60
CA GLU A 394 17.70 21.17 -18.60
C GLU A 394 18.08 19.98 -19.47
N LYS A 395 18.03 20.18 -20.78
CA LYS A 395 18.34 19.11 -21.71
C LYS A 395 19.85 18.96 -21.90
N GLY A 396 20.25 17.83 -22.45
CA GLY A 396 21.64 17.56 -22.76
C GLY A 396 22.29 16.64 -21.73
N LEU A 397 23.53 16.26 -22.04
CA LEU A 397 24.33 15.39 -21.18
C LEU A 397 25.16 16.24 -20.23
N TRP A 398 25.14 15.90 -18.95
CA TRP A 398 25.82 16.68 -17.93
C TRP A 398 26.76 15.79 -17.14
N GLU A 399 27.87 16.38 -16.69
CA GLU A 399 28.90 15.67 -15.93
C GLU A 399 28.90 16.16 -14.49
N GLY A 400 29.14 15.24 -13.56
CA GLY A 400 29.26 15.58 -12.16
C GLY A 400 28.00 16.11 -11.53
N LEU A 401 26.95 15.29 -11.48
CA LEU A 401 25.68 15.69 -10.90
C LEU A 401 25.65 15.34 -9.41
N VAL A 402 25.14 16.26 -8.61
CA VAL A 402 24.92 16.03 -7.19
C VAL A 402 23.43 16.07 -6.93
N SER A 403 22.99 15.26 -5.96
CA SER A 403 21.60 15.19 -5.56
C SER A 403 21.43 15.81 -4.19
N LEU A 404 20.52 16.77 -4.09
CA LEU A 404 20.21 17.44 -2.83
C LEU A 404 18.70 17.44 -2.64
N ASP A 405 18.25 17.04 -1.45
CA ASP A 405 16.83 17.07 -1.15
C ASP A 405 16.63 17.38 0.33
N PHE A 406 15.43 17.86 0.65
CA PHE A 406 15.07 18.14 2.03
C PHE A 406 14.81 16.84 2.79
N ARG A 407 15.01 16.89 4.11
CA ARG A 407 14.74 15.75 4.96
C ARG A 407 13.43 16.00 5.70
N SER A 408 12.40 15.25 5.33
CA SER A 408 11.06 15.39 5.89
C SER A 408 10.52 16.80 5.67
N LEU A 409 10.42 17.17 4.39
CA LEU A 409 10.03 18.52 4.03
C LEU A 409 8.65 18.87 4.58
N TYR A 410 7.64 18.06 4.27
CA TYR A 410 6.29 18.36 4.73
C TYR A 410 6.17 18.25 6.24
N PRO A 411 6.66 17.20 6.91
CA PRO A 411 6.61 17.20 8.38
C PRO A 411 7.32 18.39 9.01
N SER A 412 8.47 18.80 8.46
CA SER A 412 9.19 19.94 9.04
C SER A 412 8.44 21.25 8.81
N ILE A 413 7.72 21.37 7.70
CA ILE A 413 6.92 22.58 7.47
C ILE A 413 5.73 22.63 8.42
N ILE A 414 5.10 21.48 8.67
CA ILE A 414 3.96 21.44 9.58
C ILE A 414 4.37 21.88 10.98
N ILE A 415 5.54 21.44 11.44
CA ILE A 415 5.99 21.77 12.78
C ILE A 415 6.51 23.21 12.85
N THR A 416 7.31 23.61 11.87
CA THR A 416 7.96 24.92 11.91
C THR A 416 6.94 26.05 11.88
N HIS A 417 5.88 25.90 11.07
CA HIS A 417 4.90 26.96 10.89
C HIS A 417 3.59 26.69 11.60
N ASN A 418 3.54 25.65 12.45
CA ASN A 418 2.38 25.39 13.30
C ASN A 418 1.11 25.22 12.48
N VAL A 419 1.21 24.45 11.41
CA VAL A 419 0.09 24.25 10.49
C VAL A 419 -0.88 23.25 11.09
N SER A 420 -2.10 23.71 11.40
CA SER A 420 -3.08 22.90 12.10
C SER A 420 -4.45 23.51 11.88
N PRO A 421 -5.52 22.70 11.89
CA PRO A 421 -6.86 23.27 11.74
C PRO A 421 -7.23 24.27 12.84
N ASP A 422 -6.71 24.10 14.04
CA ASP A 422 -7.08 24.96 15.16
C ASP A 422 -6.25 26.24 15.23
N THR A 423 -5.13 26.32 14.51
CA THR A 423 -4.34 27.54 14.44
C THR A 423 -4.60 28.33 13.16
N LEU A 424 -5.43 27.80 12.26
CA LEU A 424 -5.68 28.44 10.97
C LEU A 424 -6.61 29.63 11.13
N ASN A 425 -6.12 30.81 10.77
CA ASN A 425 -6.91 32.05 10.81
C ASN A 425 -7.51 32.28 12.19
N ARG A 426 -6.70 32.05 13.22
CA ARG A 426 -7.13 32.21 14.60
C ARG A 426 -6.99 33.67 15.01
N GLU A 427 -8.09 34.28 15.48
CA GLU A 427 -8.07 35.69 15.80
C GLU A 427 -7.33 35.97 17.10
N GLY A 428 -6.79 37.19 17.20
CA GLY A 428 -6.27 37.69 18.46
C GLY A 428 -4.94 37.11 18.90
N CYS A 429 -4.08 36.71 17.97
CA CYS A 429 -2.77 36.18 18.31
C CYS A 429 -1.71 37.25 18.14
N ARG A 430 -0.58 37.05 18.84
CA ARG A 430 0.55 37.96 18.70
C ARG A 430 1.30 37.74 17.39
N GLU A 431 1.36 36.50 16.91
CA GLU A 431 2.10 36.20 15.70
C GLU A 431 1.31 35.29 14.78
N TYR A 432 1.72 35.30 13.52
CA TYR A 432 1.22 34.38 12.51
C TYR A 432 2.35 34.09 11.54
N ASP A 433 2.35 32.88 11.00
CA ASP A 433 3.13 32.55 9.81
C ASP A 433 2.19 32.53 8.62
N VAL A 434 2.52 33.31 7.59
CA VAL A 434 1.67 33.46 6.42
C VAL A 434 2.22 32.58 5.31
N ALA A 435 1.36 31.72 4.76
CA ALA A 435 1.77 30.81 3.70
C ALA A 435 1.92 31.58 2.38
N PRO A 436 2.91 31.23 1.56
CA PRO A 436 3.08 31.92 0.28
C PRO A 436 1.93 31.65 -0.66
N GLU A 437 1.65 32.63 -1.53
CA GLU A 437 0.64 32.53 -2.57
C GLU A 437 -0.77 32.34 -2.00
N VAL A 438 -0.99 31.26 -1.26
CA VAL A 438 -2.33 30.96 -0.77
C VAL A 438 -2.71 31.88 0.39
N GLY A 439 -1.74 32.37 1.15
CA GLY A 439 -1.97 33.41 2.12
C GLY A 439 -2.67 33.00 3.40
N HIS A 440 -2.77 31.71 3.69
CA HIS A 440 -3.40 31.27 4.93
C HIS A 440 -2.51 31.60 6.12
N LYS A 441 -3.12 32.16 7.17
CA LYS A 441 -2.41 32.50 8.39
C LYS A 441 -2.53 31.38 9.42
N PHE A 442 -1.46 31.20 10.19
CA PHE A 442 -1.42 30.18 11.24
C PHE A 442 -0.86 30.82 12.50
N CYS A 443 -1.64 30.77 13.58
CA CYS A 443 -1.23 31.38 14.84
C CYS A 443 -0.06 30.61 15.44
N LYS A 444 0.90 31.35 16.00
CA LYS A 444 2.09 30.77 16.61
C LYS A 444 2.10 30.91 18.12
N ASP A 445 1.02 31.41 18.72
CA ASP A 445 1.02 31.66 20.16
C ASP A 445 0.92 30.38 20.97
N PHE A 446 0.34 29.32 20.40
CA PHE A 446 0.21 28.04 21.08
C PHE A 446 0.45 26.92 20.09
N PRO A 447 0.97 25.78 20.55
CA PRO A 447 1.22 24.66 19.64
C PRO A 447 -0.10 24.08 19.14
N GLY A 448 -0.19 23.91 17.82
CA GLY A 448 -1.34 23.25 17.25
C GLY A 448 -1.43 21.79 17.67
N PHE A 449 -2.66 21.27 17.62
CA PHE A 449 -2.89 19.88 18.04
C PHE A 449 -2.03 18.91 17.24
N ILE A 450 -2.11 18.98 15.91
CA ILE A 450 -1.40 18.05 15.04
C ILE A 450 0.11 18.34 15.03
N PRO A 451 0.57 19.59 14.91
CA PRO A 451 2.03 19.82 14.98
C PRO A 451 2.65 19.37 16.27
N SER A 452 1.93 19.47 17.40
CA SER A 452 2.45 18.97 18.67
C SER A 452 2.74 17.48 18.59
N LEU A 453 1.76 16.71 18.14
CA LEU A 453 1.93 15.26 18.05
C LEU A 453 3.00 14.89 17.03
N LEU A 454 3.03 15.59 15.89
CA LEU A 454 4.04 15.31 14.88
C LEU A 454 5.45 15.61 15.39
N LYS A 455 5.59 16.64 16.23
CA LYS A 455 6.90 16.98 16.78
C LYS A 455 7.43 15.86 17.67
N ARG A 456 6.60 15.38 18.59
CA ARG A 456 7.01 14.31 19.49
C ARG A 456 7.32 13.01 18.75
N LEU A 457 6.61 12.75 17.66
CA LEU A 457 6.91 11.57 16.85
C LEU A 457 8.31 11.66 16.25
N LEU A 458 8.61 12.80 15.61
CA LEU A 458 9.94 13.00 15.05
C LEU A 458 11.03 12.84 16.10
N ASP A 459 10.87 13.49 17.27
CA ASP A 459 11.94 13.47 18.26
C ASP A 459 12.00 12.11 18.96
N GLU A 460 10.86 11.43 19.11
CA GLU A 460 10.91 10.08 19.66
C GLU A 460 11.63 9.13 18.71
N ARG A 461 11.46 9.35 17.40
CA ARG A 461 12.13 8.49 16.42
C ARG A 461 13.65 8.59 16.55
N GLN A 462 14.17 9.78 16.82
CA GLN A 462 15.62 9.95 16.91
C GLN A 462 16.18 9.55 18.26
N GLU A 463 15.37 9.58 19.33
CA GLU A 463 15.77 8.94 20.58
C GLU A 463 15.92 7.43 20.38
N ILE A 464 15.04 6.85 19.55
CA ILE A 464 15.15 5.44 19.23
C ILE A 464 16.38 5.17 18.38
N LYS A 465 16.68 6.06 17.42
CA LYS A 465 17.90 5.93 16.65
C LYS A 465 19.13 5.98 17.55
N ARG A 466 19.13 6.88 18.53
CA ARG A 466 20.26 7.02 19.43
C ARG A 466 20.31 5.93 20.51
N LYS A 467 19.22 5.20 20.71
CA LYS A 467 19.24 4.02 21.57
C LYS A 467 19.50 2.74 20.80
N MET A 468 19.44 2.78 19.46
CA MET A 468 19.84 1.64 18.66
C MET A 468 21.35 1.50 18.60
N LYS A 469 22.07 2.62 18.46
CA LYS A 469 23.53 2.56 18.45
C LYS A 469 24.06 2.14 19.82
N ALA A 470 23.41 2.58 20.89
CA ALA A 470 23.76 2.16 22.24
C ALA A 470 23.05 0.85 22.57
N SER A 471 23.52 -0.21 21.92
CA SER A 471 22.90 -1.52 22.06
C SER A 471 23.87 -2.58 21.55
N LYS A 472 23.57 -3.83 21.90
CA LYS A 472 24.24 -4.97 21.28
C LYS A 472 23.31 -6.11 20.91
N ASP A 473 22.26 -6.38 21.68
CA ASP A 473 21.22 -7.29 21.21
C ASP A 473 20.54 -6.70 19.99
N PRO A 474 20.12 -7.54 19.05
CA PRO A 474 18.96 -7.19 18.21
C PRO A 474 17.62 -7.64 18.80
N ILE A 475 17.57 -8.06 20.06
CA ILE A 475 16.28 -8.34 20.70
C ILE A 475 15.48 -7.06 20.85
N GLU A 476 16.14 -5.90 20.79
CA GLU A 476 15.42 -4.64 20.70
C GLU A 476 15.98 -3.78 19.57
N LYS A 477 17.26 -3.95 19.22
CA LYS A 477 17.82 -3.18 18.11
C LYS A 477 17.04 -3.44 16.82
N LYS A 478 16.74 -4.71 16.54
CA LYS A 478 15.83 -5.00 15.43
C LYS A 478 14.40 -4.61 15.77
N MET A 479 14.02 -4.69 17.05
CA MET A 479 12.69 -4.28 17.47
C MET A 479 12.55 -2.76 17.50
N LEU A 480 13.63 -2.04 17.84
CA LEU A 480 13.60 -0.58 17.75
C LEU A 480 13.62 -0.11 16.30
N ASP A 481 14.25 -0.88 15.41
CA ASP A 481 14.29 -0.50 14.01
C ASP A 481 12.90 -0.51 13.38
N TYR A 482 12.11 -1.55 13.65
CA TYR A 482 10.73 -1.58 13.16
C TYR A 482 9.90 -0.47 13.79
N ARG A 483 10.23 -0.11 15.03
CA ARG A 483 9.48 0.92 15.73
C ARG A 483 9.78 2.30 15.14
N GLN A 484 11.05 2.59 14.85
CA GLN A 484 11.39 3.90 14.30
C GLN A 484 10.88 4.04 12.86
N ARG A 485 10.90 2.95 12.09
CA ARG A 485 10.36 3.02 10.74
C ARG A 485 8.84 3.04 10.75
N ALA A 486 8.21 2.48 11.78
CA ALA A 486 6.77 2.63 11.93
C ALA A 486 6.41 4.07 12.22
N ILE A 487 7.25 4.78 12.98
CA ILE A 487 7.04 6.20 13.23
C ILE A 487 7.22 6.99 11.94
N LYS A 488 8.20 6.60 11.12
CA LYS A 488 8.40 7.28 9.84
C LYS A 488 7.18 7.13 8.93
N ILE A 489 6.54 5.96 8.94
CA ILE A 489 5.33 5.77 8.16
C ILE A 489 4.21 6.66 8.69
N LEU A 490 4.04 6.71 10.02
CA LEU A 490 2.97 7.51 10.59
C LEU A 490 3.23 9.00 10.44
N ALA A 491 4.49 9.43 10.65
CA ALA A 491 4.80 10.85 10.55
C ALA A 491 4.68 11.34 9.10
N ASN A 492 5.09 10.53 8.14
CA ASN A 492 4.99 10.90 6.73
C ASN A 492 3.58 10.73 6.18
N SER A 493 2.61 10.37 7.01
CA SER A 493 1.22 10.28 6.59
C SER A 493 0.39 11.47 7.05
N TYR A 494 0.98 12.39 7.81
CA TYR A 494 0.24 13.53 8.33
C TYR A 494 -0.22 14.47 7.22
N TYR A 495 0.66 14.75 6.25
CA TYR A 495 0.31 15.66 5.17
C TYR A 495 -0.85 15.12 4.35
N GLY A 496 -0.78 13.85 3.96
CA GLY A 496 -1.85 13.25 3.19
C GLY A 496 -3.18 13.23 3.93
N TYR A 497 -3.13 13.08 5.25
CA TYR A 497 -4.35 13.11 6.05
C TYR A 497 -5.07 14.44 5.96
N TYR A 498 -4.30 15.54 5.83
CA TYR A 498 -4.92 16.86 5.74
C TYR A 498 -5.85 16.97 4.54
N GLY A 499 -5.54 16.27 3.45
CA GLY A 499 -6.37 16.29 2.27
C GLY A 499 -7.16 15.02 2.07
N TYR A 500 -7.30 14.24 3.14
CA TYR A 500 -8.07 12.99 3.09
C TYR A 500 -9.55 13.32 3.26
N ALA A 501 -10.35 12.99 2.23
CA ALA A 501 -11.72 13.47 2.19
C ALA A 501 -12.57 12.91 3.32
N LYS A 502 -12.22 11.74 3.85
CA LYS A 502 -12.95 11.14 4.96
C LYS A 502 -12.47 11.61 6.32
N ALA A 503 -11.41 12.41 6.38
CA ALA A 503 -10.76 12.74 7.64
C ALA A 503 -11.66 13.60 8.51
N ARG A 504 -11.55 13.39 9.83
CA ARG A 504 -12.26 14.23 10.78
C ARG A 504 -11.59 15.60 10.90
N TRP A 505 -10.28 15.62 11.14
CA TRP A 505 -9.51 16.87 11.13
C TRP A 505 -9.09 17.27 9.72
N TYR A 506 -10.00 17.15 8.77
CA TYR A 506 -9.75 17.59 7.40
C TYR A 506 -9.47 19.09 7.38
N CYS A 507 -8.40 19.48 6.69
CA CYS A 507 -8.05 20.89 6.55
C CYS A 507 -7.29 21.04 5.23
N LYS A 508 -8.04 21.35 4.17
CA LYS A 508 -7.41 21.53 2.88
C LYS A 508 -6.54 22.78 2.85
N GLU A 509 -6.95 23.84 3.54
CA GLU A 509 -6.09 25.02 3.66
C GLU A 509 -4.75 24.67 4.29
N CYS A 510 -4.72 23.67 5.17
CA CYS A 510 -3.46 23.25 5.77
C CYS A 510 -2.56 22.56 4.75
N ALA A 511 -3.10 21.56 4.04
CA ALA A 511 -2.31 20.87 3.02
C ALA A 511 -1.93 21.81 1.88
N GLU A 512 -2.82 22.74 1.55
CA GLU A 512 -2.53 23.73 0.52
C GLU A 512 -1.40 24.66 0.95
N SER A 513 -1.30 24.94 2.25
CA SER A 513 -0.23 25.81 2.75
C SER A 513 1.09 25.06 2.85
N VAL A 514 1.05 23.79 3.28
CA VAL A 514 2.26 23.00 3.43
C VAL A 514 2.97 22.86 2.09
N THR A 515 2.22 22.59 1.02
CA THR A 515 2.83 22.46 -0.29
C THR A 515 3.28 23.80 -0.85
N ALA A 516 2.62 24.89 -0.44
CA ALA A 516 3.04 26.22 -0.89
C ALA A 516 4.38 26.60 -0.28
N TRP A 517 4.57 26.35 1.02
CA TRP A 517 5.87 26.53 1.64
C TRP A 517 6.92 25.64 0.97
N GLY A 518 6.55 24.40 0.66
CA GLY A 518 7.50 23.50 0.01
C GLY A 518 8.02 24.04 -1.31
N ARG A 519 7.15 24.66 -2.10
CA ARG A 519 7.60 25.27 -3.35
C ARG A 519 8.47 26.49 -3.10
N GLU A 520 8.20 27.23 -2.01
CA GLU A 520 9.00 28.41 -1.71
C GLU A 520 10.41 28.02 -1.31
N TYR A 521 10.55 27.01 -0.44
CA TYR A 521 11.87 26.66 0.09
C TYR A 521 12.73 25.96 -0.97
N ILE A 522 12.12 25.12 -1.81
CA ILE A 522 12.90 24.46 -2.85
C ILE A 522 13.37 25.47 -3.89
N GLU A 523 12.58 26.51 -4.14
CA GLU A 523 12.99 27.57 -5.06
C GLU A 523 14.01 28.49 -4.41
N PHE A 524 13.93 28.66 -3.08
CA PHE A 524 14.96 29.40 -2.36
C PHE A 524 16.31 28.70 -2.46
N VAL A 525 16.31 27.37 -2.30
CA VAL A 525 17.53 26.59 -2.50
C VAL A 525 18.04 26.76 -3.92
N ARG A 526 17.12 26.81 -4.88
CA ARG A 526 17.50 27.01 -6.28
C ARG A 526 18.21 28.34 -6.48
N LYS A 527 17.65 29.41 -5.92
CA LYS A 527 18.22 30.74 -6.12
C LYS A 527 19.61 30.84 -5.52
N GLU A 528 19.77 30.43 -4.26
CA GLU A 528 21.08 30.49 -3.61
C GLU A 528 22.09 29.59 -4.31
N LEU A 529 21.62 28.48 -4.89
CA LEU A 529 22.53 27.54 -5.54
C LEU A 529 23.19 28.17 -6.76
N GLU A 530 22.44 28.96 -7.53
CA GLU A 530 22.93 29.50 -8.79
C GLU A 530 23.48 30.91 -8.67
N GLU A 531 22.91 31.75 -7.81
CA GLU A 531 23.34 33.14 -7.72
C GLU A 531 24.45 33.38 -6.71
N LYS A 532 24.65 32.45 -5.76
CA LYS A 532 25.66 32.60 -4.74
C LYS A 532 26.75 31.53 -4.79
N PHE A 533 26.50 30.40 -5.44
CA PHE A 533 27.45 29.29 -5.44
C PHE A 533 27.84 28.82 -6.85
N GLY A 534 27.34 29.47 -7.90
CA GLY A 534 27.75 29.12 -9.25
C GLY A 534 27.27 27.78 -9.74
N PHE A 535 26.27 27.19 -9.10
CA PHE A 535 25.74 25.92 -9.55
C PHE A 535 24.75 26.12 -10.70
N LYS A 536 24.44 25.02 -11.38
CA LYS A 536 23.46 24.98 -12.45
C LYS A 536 22.48 23.85 -12.13
N VAL A 537 21.28 24.21 -11.69
CA VAL A 537 20.28 23.20 -11.35
C VAL A 537 19.69 22.66 -12.64
N LEU A 538 19.64 21.33 -12.76
CA LEU A 538 19.20 20.68 -13.98
C LEU A 538 17.78 20.13 -13.89
N TYR A 539 17.27 19.88 -12.68
CA TYR A 539 16.01 19.19 -12.51
C TYR A 539 15.54 19.41 -11.08
N ILE A 540 14.25 19.72 -10.93
CA ILE A 540 13.65 19.94 -9.62
C ILE A 540 12.36 19.16 -9.53
N ASP A 541 12.17 18.41 -8.44
CA ASP A 541 10.95 17.62 -8.22
C ASP A 541 10.57 17.76 -6.75
N THR A 542 9.68 18.71 -6.47
CA THR A 542 9.04 18.88 -5.18
C THR A 542 10.02 19.18 -4.05
N ASP A 543 10.74 18.16 -3.58
CA ASP A 543 11.61 18.31 -2.42
C ASP A 543 13.07 18.01 -2.71
N GLY A 544 13.45 17.84 -3.98
CA GLY A 544 14.83 17.54 -4.31
C GLY A 544 15.19 18.09 -5.67
N LEU A 545 16.50 18.11 -5.95
CA LEU A 545 16.99 18.65 -7.20
C LEU A 545 18.34 18.03 -7.55
N TYR A 546 18.69 18.13 -8.83
CA TYR A 546 20.01 17.76 -9.34
C TYR A 546 20.71 19.01 -9.84
N ALA A 547 21.99 19.14 -9.54
CA ALA A 547 22.75 20.32 -9.93
C ALA A 547 24.19 19.93 -10.21
N THR A 548 24.88 20.78 -10.98
CA THR A 548 26.28 20.58 -11.29
C THR A 548 26.96 21.93 -11.45
N ILE A 549 28.28 21.91 -11.39
CA ILE A 549 29.11 23.07 -11.70
C ILE A 549 29.77 22.81 -13.05
N PRO A 550 29.34 23.48 -14.12
CA PRO A 550 29.89 23.21 -15.46
C PRO A 550 31.40 23.39 -15.50
N GLY A 551 32.10 22.32 -15.90
CA GLY A 551 33.54 22.36 -16.07
C GLY A 551 34.35 21.96 -14.85
N ALA A 552 33.74 21.94 -13.67
CA ALA A 552 34.49 21.68 -12.46
C ALA A 552 34.83 20.19 -12.32
N LYS A 553 35.90 19.91 -11.57
CA LYS A 553 36.27 18.54 -11.29
C LYS A 553 35.23 17.90 -10.37
N PRO A 554 35.04 16.58 -10.49
CA PRO A 554 34.08 15.89 -9.61
C PRO A 554 34.27 16.17 -8.12
N GLU A 555 35.51 16.18 -7.63
CA GLU A 555 35.73 16.39 -6.20
C GLU A 555 35.42 17.82 -5.78
N GLU A 556 35.69 18.80 -6.64
CA GLU A 556 35.38 20.19 -6.29
C GLU A 556 33.87 20.42 -6.23
N ILE A 557 33.10 19.71 -7.05
CA ILE A 557 31.65 19.82 -6.99
C ILE A 557 31.13 19.27 -5.68
N LYS A 558 31.66 18.12 -5.24
CA LYS A 558 31.25 17.53 -3.97
C LYS A 558 31.57 18.47 -2.81
N LYS A 559 32.78 19.04 -2.81
CA LYS A 559 33.20 19.89 -1.69
C LYS A 559 32.34 21.13 -1.59
N LYS A 560 32.02 21.77 -2.72
CA LYS A 560 31.17 22.95 -2.68
C LYS A 560 29.71 22.60 -2.43
N ALA A 561 29.29 21.38 -2.79
CA ALA A 561 27.92 20.95 -2.49
C ALA A 561 27.74 20.71 -1.00
N LEU A 562 28.73 20.09 -0.35
CA LEU A 562 28.66 19.87 1.08
C LEU A 562 28.74 21.18 1.85
N GLU A 563 29.45 22.18 1.32
CA GLU A 563 29.53 23.48 1.97
C GLU A 563 28.23 24.25 1.80
N PHE A 564 27.60 24.14 0.63
CA PHE A 564 26.30 24.78 0.43
C PHE A 564 25.25 24.22 1.38
N VAL A 565 25.34 22.93 1.70
CA VAL A 565 24.41 22.33 2.65
C VAL A 565 24.52 23.02 4.01
N ASP A 566 25.75 23.20 4.50
CA ASP A 566 25.95 23.91 5.76
C ASP A 566 25.55 25.37 5.64
N TYR A 567 25.80 25.98 4.50
CA TYR A 567 25.44 27.39 4.30
C TYR A 567 23.93 27.56 4.27
N ILE A 568 23.23 26.72 3.52
CA ILE A 568 21.79 26.90 3.33
C ILE A 568 21.00 26.45 4.55
N ASN A 569 21.53 25.56 5.39
CA ASN A 569 20.81 25.13 6.58
C ASN A 569 20.86 26.17 7.67
N ALA A 570 21.89 27.03 7.69
CA ALA A 570 21.92 28.12 8.65
C ALA A 570 20.88 29.18 8.31
N LYS A 571 20.52 29.32 7.03
CA LYS A 571 19.55 30.30 6.59
C LYS A 571 18.12 29.76 6.60
N LEU A 572 17.94 28.44 6.62
CA LEU A 572 16.61 27.86 6.64
C LEU A 572 16.01 27.93 8.04
N PRO A 573 14.70 28.19 8.14
CA PRO A 573 14.08 28.32 9.47
C PRO A 573 13.65 26.98 10.03
N GLY A 574 13.59 26.94 11.36
CA GLY A 574 13.02 25.79 12.06
C GLY A 574 13.72 24.49 11.74
N LEU A 575 12.92 23.44 11.58
CA LEU A 575 13.43 22.09 11.32
C LEU A 575 13.78 21.85 9.86
N LEU A 576 13.50 22.81 8.97
CA LEU A 576 13.83 22.65 7.57
C LEU A 576 15.32 22.44 7.39
N GLU A 577 15.69 21.34 6.75
CA GLU A 577 17.08 20.94 6.61
C GLU A 577 17.32 20.32 5.25
N LEU A 578 18.31 20.83 4.53
CA LEU A 578 18.75 20.24 3.27
C LEU A 578 19.87 19.25 3.53
N GLU A 579 20.07 18.32 2.60
CA GLU A 579 21.10 17.33 2.80
C GLU A 579 21.67 16.88 1.46
N TYR A 580 22.92 16.45 1.51
CA TYR A 580 23.61 15.91 0.35
C TYR A 580 23.32 14.42 0.24
N GLU A 581 22.86 13.99 -0.94
CA GLU A 581 22.37 12.63 -1.11
C GLU A 581 23.21 11.75 -2.04
N GLY A 582 24.08 12.32 -2.84
CA GLY A 582 24.95 11.49 -3.66
C GLY A 582 25.49 12.24 -4.85
N PHE A 583 26.48 11.60 -5.47
CA PHE A 583 27.15 12.11 -6.66
C PHE A 583 26.97 11.11 -7.80
N TYR A 584 26.85 11.63 -9.01
CA TYR A 584 26.69 10.81 -10.20
C TYR A 584 27.66 11.26 -11.26
N VAL A 585 28.30 10.29 -11.91
CA VAL A 585 29.33 10.58 -12.90
C VAL A 585 28.75 11.42 -14.04
N ARG A 586 27.58 11.02 -14.54
CA ARG A 586 26.89 11.80 -15.56
C ARG A 586 25.43 11.35 -15.61
N GLY A 587 24.65 12.09 -16.38
CA GLY A 587 23.24 11.78 -16.53
C GLY A 587 22.58 12.80 -17.43
N PHE A 588 21.34 12.49 -17.81
CA PHE A 588 20.56 13.38 -18.65
C PHE A 588 19.09 13.25 -18.27
N PHE A 589 18.31 14.28 -18.61
CA PHE A 589 16.91 14.36 -18.25
C PHE A 589 16.09 14.53 -19.53
N VAL A 590 15.15 13.61 -19.75
CA VAL A 590 14.33 13.66 -20.96
C VAL A 590 13.17 14.63 -20.78
N THR A 591 12.46 14.52 -19.67
CA THR A 591 11.36 15.42 -19.33
C THR A 591 11.10 15.30 -17.83
N LYS A 592 9.96 15.79 -17.39
CA LYS A 592 9.59 15.68 -15.99
C LYS A 592 9.39 14.22 -15.61
N LYS A 593 10.13 13.76 -14.59
CA LYS A 593 10.06 12.40 -14.06
C LYS A 593 10.49 11.35 -15.08
N LYS A 594 11.33 11.74 -16.04
CA LYS A 594 11.95 10.80 -16.97
C LYS A 594 13.42 11.21 -17.12
N TYR A 595 14.32 10.39 -16.58
CA TYR A 595 15.75 10.69 -16.67
C TYR A 595 16.56 9.42 -16.45
N ALA A 596 17.86 9.53 -16.72
CA ALA A 596 18.79 8.42 -16.56
C ALA A 596 20.09 8.95 -15.97
N LEU A 597 20.64 8.22 -15.01
CA LEU A 597 21.89 8.58 -14.35
C LEU A 597 22.80 7.36 -14.33
N ILE A 598 24.05 7.59 -13.90
CA ILE A 598 25.00 6.51 -13.67
C ILE A 598 25.93 6.94 -12.55
N ASP A 599 26.12 6.07 -11.56
CA ASP A 599 26.90 6.42 -10.39
C ASP A 599 28.36 6.03 -10.59
N GLU A 600 29.14 6.07 -9.51
CA GLU A 600 30.58 5.88 -9.60
C GLU A 600 31.00 4.42 -9.73
N GLU A 601 30.07 3.47 -9.57
CA GLU A 601 30.37 2.06 -9.81
C GLU A 601 29.86 1.58 -11.17
N GLY A 602 29.58 2.49 -12.08
CA GLY A 602 29.04 2.13 -13.38
C GLY A 602 27.60 1.66 -13.36
N LYS A 603 26.90 1.83 -12.24
CA LYS A 603 25.54 1.33 -12.09
C LYS A 603 24.57 2.37 -12.66
N ILE A 604 23.86 1.98 -13.72
CA ILE A 604 22.96 2.89 -14.42
C ILE A 604 21.60 2.88 -13.73
N ILE A 605 21.08 4.08 -13.47
CA ILE A 605 19.79 4.27 -12.81
C ILE A 605 18.89 5.06 -13.74
N THR A 606 17.71 4.53 -14.02
CA THR A 606 16.74 5.17 -14.90
C THR A 606 15.44 5.42 -14.14
N ARG A 607 14.56 6.20 -14.76
CA ARG A 607 13.26 6.49 -14.18
C ARG A 607 12.29 6.89 -15.28
N GLY A 608 11.20 6.15 -15.42
CA GLY A 608 10.20 6.47 -16.43
C GLY A 608 10.68 6.34 -17.85
N LEU A 609 11.62 5.44 -18.10
CA LEU A 609 12.20 5.31 -19.44
C LEU A 609 12.27 3.87 -19.93
N GLU A 610 12.56 2.92 -19.05
CA GLU A 610 12.94 1.58 -19.48
C GLU A 610 11.72 0.76 -19.88
N ILE A 611 11.91 -0.07 -20.90
CA ILE A 611 10.91 -1.03 -21.35
C ILE A 611 11.27 -2.38 -20.74
N VAL A 612 10.44 -2.84 -19.80
CA VAL A 612 10.72 -4.05 -19.05
C VAL A 612 9.69 -5.15 -19.28
N ARG A 613 8.55 -4.84 -19.89
CA ARG A 613 7.49 -5.83 -20.07
C ARG A 613 7.91 -6.89 -21.08
N ARG A 614 7.31 -8.07 -20.95
CA ARG A 614 7.52 -9.14 -21.92
C ARG A 614 6.74 -8.90 -23.21
N ASP A 615 5.92 -7.86 -23.27
CA ASP A 615 5.30 -7.44 -24.53
C ASP A 615 6.32 -6.87 -25.51
N TRP A 616 7.56 -6.67 -25.09
CA TRP A 616 8.61 -6.13 -25.93
C TRP A 616 9.51 -7.24 -26.44
N SER A 617 9.92 -7.10 -27.71
CA SER A 617 10.89 -8.03 -28.26
C SER A 617 12.26 -7.81 -27.65
N GLU A 618 13.10 -8.85 -27.69
CA GLU A 618 14.44 -8.74 -27.15
C GLU A 618 15.24 -7.66 -27.88
N ILE A 619 15.03 -7.53 -29.19
CA ILE A 619 15.74 -6.51 -29.96
C ILE A 619 15.37 -5.10 -29.50
N ALA A 620 14.20 -4.93 -28.88
CA ALA A 620 13.82 -3.64 -28.35
C ALA A 620 14.55 -3.35 -27.04
N LYS A 621 14.51 -4.29 -26.10
CA LYS A 621 15.23 -4.11 -24.84
C LYS A 621 16.73 -4.02 -25.09
N GLU A 622 17.25 -4.81 -26.03
CA GLU A 622 18.68 -4.80 -26.32
C GLU A 622 19.11 -3.44 -26.86
N THR A 623 18.39 -2.93 -27.87
CA THR A 623 18.77 -1.66 -28.48
C THR A 623 18.71 -0.52 -27.47
N GLN A 624 17.67 -0.51 -26.62
CA GLN A 624 17.55 0.55 -25.62
C GLN A 624 18.70 0.48 -24.62
N ALA A 625 19.13 -0.73 -24.26
CA ALA A 625 20.26 -0.87 -23.34
C ALA A 625 21.57 -0.40 -23.98
N LYS A 626 21.75 -0.69 -25.27
CA LYS A 626 22.93 -0.19 -25.98
C LYS A 626 22.94 1.33 -26.00
N VAL A 627 21.78 1.95 -26.21
CA VAL A 627 21.70 3.40 -26.31
C VAL A 627 22.05 4.04 -24.98
N LEU A 628 21.50 3.53 -23.88
CA LEU A 628 21.75 4.11 -22.57
C LEU A 628 23.23 3.99 -22.19
N GLU A 629 23.86 2.86 -22.52
CA GLU A 629 25.25 2.67 -22.15
C GLU A 629 26.19 3.49 -23.04
N ALA A 630 25.80 3.75 -24.29
CA ALA A 630 26.62 4.62 -25.13
C ALA A 630 26.59 6.06 -24.63
N ILE A 631 25.44 6.51 -24.13
CA ILE A 631 25.31 7.88 -23.66
C ILE A 631 25.90 8.03 -22.25
N LEU A 632 25.74 7.00 -21.41
CA LEU A 632 26.13 7.12 -20.01
C LEU A 632 27.54 6.59 -19.74
N LYS A 633 27.94 5.49 -20.36
CA LYS A 633 29.28 4.96 -20.15
C LYS A 633 30.31 5.58 -21.08
N HIS A 634 29.92 5.97 -22.30
CA HIS A 634 30.84 6.56 -23.25
C HIS A 634 30.66 8.05 -23.44
N GLY A 635 29.55 8.62 -22.95
CA GLY A 635 29.27 10.02 -23.22
C GLY A 635 29.18 10.33 -24.69
N ASN A 636 28.61 9.41 -25.47
CA ASN A 636 28.62 9.49 -26.94
C ASN A 636 27.19 9.37 -27.43
N VAL A 637 26.53 10.51 -27.63
CA VAL A 637 25.18 10.50 -28.15
C VAL A 637 25.16 10.07 -29.61
N GLU A 638 26.24 10.36 -30.35
CA GLU A 638 26.29 10.00 -31.76
C GLU A 638 26.41 8.50 -31.94
N GLU A 639 27.21 7.84 -31.09
CA GLU A 639 27.30 6.38 -31.13
C GLU A 639 25.94 5.75 -30.86
N ALA A 640 25.18 6.30 -29.92
CA ALA A 640 23.86 5.78 -29.62
C ALA A 640 22.92 5.94 -30.82
N VAL A 641 23.06 7.03 -31.56
CA VAL A 641 22.27 7.21 -32.77
C VAL A 641 22.70 6.22 -33.84
N LYS A 642 24.01 6.00 -33.97
CA LYS A 642 24.50 5.01 -34.92
C LYS A 642 24.02 3.60 -34.59
N ILE A 643 23.85 3.30 -33.30
CA ILE A 643 23.38 1.98 -32.89
C ILE A 643 21.95 1.76 -33.38
N VAL A 644 21.06 2.72 -33.14
CA VAL A 644 19.68 2.60 -33.60
C VAL A 644 19.63 2.53 -35.12
N LYS A 645 20.38 3.41 -35.78
CA LYS A 645 20.42 3.42 -37.24
C LYS A 645 20.94 2.10 -37.78
N GLU A 646 21.98 1.54 -37.14
CA GLU A 646 22.54 0.26 -37.57
C GLU A 646 21.57 -0.88 -37.32
N VAL A 647 20.82 -0.83 -36.21
CA VAL A 647 19.85 -1.88 -35.91
C VAL A 647 18.73 -1.87 -36.93
N THR A 648 18.28 -0.68 -37.35
CA THR A 648 17.23 -0.58 -38.34
C THR A 648 17.67 -1.08 -39.72
N GLU A 649 18.98 -1.08 -39.99
CA GLU A 649 19.47 -1.63 -41.25
C GLU A 649 19.42 -3.15 -41.24
N LYS A 650 19.96 -3.77 -40.18
CA LYS A 650 19.93 -5.22 -40.07
C LYS A 650 18.50 -5.75 -39.99
N LEU A 651 17.59 -4.95 -39.45
CA LEU A 651 16.19 -5.37 -39.34
C LEU A 651 15.56 -5.52 -40.73
N SER A 652 15.79 -4.55 -41.61
CA SER A 652 15.23 -4.60 -42.96
C SER A 652 15.98 -5.56 -43.88
N LYS A 653 17.24 -5.85 -43.59
CA LYS A 653 18.00 -6.82 -44.37
C LYS A 653 17.92 -8.23 -43.78
N TYR A 654 17.01 -8.46 -42.83
CA TYR A 654 16.74 -9.78 -42.28
C TYR A 654 18.00 -10.41 -41.67
N GLU A 655 18.78 -9.60 -40.97
CA GLU A 655 19.99 -10.05 -40.31
C GLU A 655 19.83 -10.20 -38.82
N ILE A 656 18.69 -9.82 -38.26
CA ILE A 656 18.42 -9.96 -36.83
C ILE A 656 17.82 -11.34 -36.60
N PRO A 657 18.40 -12.17 -35.73
CA PRO A 657 17.86 -13.51 -35.50
C PRO A 657 16.46 -13.46 -34.94
N PRO A 658 15.59 -14.39 -35.35
CA PRO A 658 14.16 -14.28 -34.98
C PRO A 658 13.86 -14.44 -33.51
N GLU A 659 14.78 -15.00 -32.71
CA GLU A 659 14.53 -15.13 -31.28
C GLU A 659 14.45 -13.77 -30.60
N LYS A 660 15.22 -12.79 -31.10
CA LYS A 660 15.16 -11.44 -30.59
C LYS A 660 13.92 -10.68 -31.07
N LEU A 661 13.05 -11.32 -31.84
CA LEU A 661 11.86 -10.69 -32.38
C LEU A 661 10.56 -11.27 -31.82
N VAL A 662 10.65 -12.23 -30.91
CA VAL A 662 9.46 -12.90 -30.38
C VAL A 662 8.78 -11.97 -29.38
N ILE A 663 7.45 -11.93 -29.42
CA ILE A 663 6.65 -11.18 -28.46
C ILE A 663 5.81 -12.19 -27.69
N TYR A 664 6.10 -12.33 -26.40
CA TYR A 664 5.39 -13.29 -25.56
C TYR A 664 4.18 -12.64 -24.92
N GLU A 665 3.02 -13.28 -25.06
CA GLU A 665 1.79 -12.81 -24.46
C GLU A 665 1.05 -14.00 -23.86
N GLN A 666 0.26 -13.74 -22.82
CA GLN A 666 -0.39 -14.78 -22.06
C GLN A 666 -1.89 -14.80 -22.36
N ILE A 667 -2.41 -15.99 -22.62
CA ILE A 667 -3.85 -16.19 -22.72
C ILE A 667 -4.43 -16.20 -21.32
N THR A 668 -5.31 -15.24 -21.02
CA THR A 668 -5.87 -15.10 -19.69
C THR A 668 -7.35 -15.49 -19.64
N ARG A 669 -7.80 -16.33 -20.59
CA ARG A 669 -9.24 -16.48 -20.80
C ARG A 669 -9.57 -17.55 -21.84
N PRO A 670 -10.73 -18.21 -21.71
CA PRO A 670 -11.25 -19.03 -22.83
C PRO A 670 -11.26 -18.25 -24.14
N LEU A 671 -10.79 -18.90 -25.20
CA LEU A 671 -10.55 -18.22 -26.47
C LEU A 671 -11.82 -17.60 -27.05
N HIS A 672 -12.98 -18.23 -26.84
CA HIS A 672 -14.20 -17.73 -27.47
C HIS A 672 -14.71 -16.45 -26.83
N GLU A 673 -14.24 -16.11 -25.63
CA GLU A 673 -14.66 -14.90 -24.94
C GLU A 673 -13.80 -13.68 -25.29
N TYR A 674 -12.92 -13.81 -26.27
CA TYR A 674 -12.10 -12.69 -26.72
C TYR A 674 -12.82 -11.91 -27.81
N LYS A 675 -12.86 -10.59 -27.66
CA LYS A 675 -13.20 -9.68 -28.75
C LYS A 675 -12.00 -8.91 -29.26
N ALA A 676 -11.08 -8.56 -28.36
CA ALA A 676 -9.76 -8.09 -28.76
C ALA A 676 -8.99 -9.25 -29.36
N ILE A 677 -9.11 -9.44 -30.68
CA ILE A 677 -8.39 -10.52 -31.36
C ILE A 677 -7.02 -9.95 -31.72
N GLY A 678 -6.12 -9.99 -30.74
CA GLY A 678 -4.75 -9.62 -30.97
C GLY A 678 -3.95 -10.74 -31.60
N PRO A 679 -2.70 -10.43 -31.96
CA PRO A 679 -1.87 -11.45 -32.62
C PRO A 679 -1.73 -12.75 -31.84
N HIS A 680 -1.51 -12.67 -30.52
CA HIS A 680 -1.34 -13.89 -29.74
C HIS A 680 -2.64 -14.67 -29.62
N VAL A 681 -3.78 -13.98 -29.69
CA VAL A 681 -5.07 -14.68 -29.64
C VAL A 681 -5.35 -15.37 -30.98
N ALA A 682 -5.01 -14.71 -32.09
CA ALA A 682 -5.22 -15.33 -33.40
C ALA A 682 -4.35 -16.56 -33.57
N VAL A 683 -3.10 -16.51 -33.10
CA VAL A 683 -2.24 -17.68 -33.13
C VAL A 683 -2.79 -18.78 -32.25
N ALA A 684 -3.29 -18.42 -31.07
CA ALA A 684 -3.86 -19.41 -30.16
C ALA A 684 -5.09 -20.08 -30.75
N LYS A 685 -5.88 -19.34 -31.54
CA LYS A 685 -7.06 -19.94 -32.15
C LYS A 685 -6.70 -20.90 -33.28
N ARG A 686 -5.62 -20.60 -34.02
CA ARG A 686 -5.17 -21.55 -35.03
C ARG A 686 -4.59 -22.80 -34.38
N LEU A 687 -3.97 -22.68 -33.21
CA LEU A 687 -3.51 -23.85 -32.47
C LEU A 687 -4.69 -24.70 -32.03
N ALA A 688 -5.74 -24.07 -31.49
CA ALA A 688 -6.90 -24.82 -31.02
C ALA A 688 -7.58 -25.56 -32.16
N ALA A 689 -7.72 -24.91 -33.31
CA ALA A 689 -8.36 -25.56 -34.46
C ALA A 689 -7.56 -26.74 -34.96
N ARG A 690 -6.24 -26.73 -34.74
CA ARG A 690 -5.38 -27.82 -35.16
C ARG A 690 -5.35 -28.98 -34.15
N GLY A 691 -6.13 -28.89 -33.08
CA GLY A 691 -6.20 -29.94 -32.09
C GLY A 691 -5.47 -29.62 -30.80
N VAL A 692 -4.60 -28.61 -30.82
CA VAL A 692 -3.93 -28.21 -29.59
C VAL A 692 -4.97 -27.69 -28.62
N LYS A 693 -4.71 -27.94 -27.35
CA LYS A 693 -5.75 -27.80 -26.35
C LYS A 693 -6.00 -26.33 -25.99
N VAL A 694 -4.95 -25.64 -25.55
CA VAL A 694 -4.94 -24.20 -25.32
C VAL A 694 -5.92 -23.77 -24.23
N ARG A 695 -5.41 -23.22 -23.14
CA ARG A 695 -6.20 -22.92 -21.96
C ARG A 695 -5.62 -21.66 -21.30
N PRO A 696 -6.44 -20.93 -20.51
CA PRO A 696 -5.95 -19.70 -19.85
C PRO A 696 -4.68 -19.94 -19.05
N GLY A 697 -3.78 -18.96 -19.10
CA GLY A 697 -2.48 -19.05 -18.48
C GLY A 697 -1.37 -19.43 -19.44
N MET A 698 -1.71 -19.97 -20.60
CA MET A 698 -0.72 -20.38 -21.58
C MET A 698 -0.13 -19.18 -22.30
N VAL A 699 1.19 -19.12 -22.35
CA VAL A 699 1.89 -18.05 -23.07
C VAL A 699 2.11 -18.51 -24.50
N ILE A 700 2.07 -17.56 -25.43
CA ILE A 700 2.10 -17.89 -26.86
C ILE A 700 3.49 -17.65 -27.42
N GLY A 701 3.87 -16.39 -27.57
CA GLY A 701 5.12 -16.05 -28.23
C GLY A 701 4.97 -16.14 -29.73
N TYR A 702 4.96 -14.99 -30.41
CA TYR A 702 4.68 -14.93 -31.84
C TYR A 702 5.68 -14.01 -32.52
N ILE A 703 5.65 -14.02 -33.85
CA ILE A 703 6.46 -13.14 -34.68
C ILE A 703 5.56 -12.58 -35.78
N VAL A 704 5.71 -11.30 -36.08
CA VAL A 704 4.88 -10.62 -37.06
C VAL A 704 5.52 -10.76 -38.43
N LEU A 705 4.77 -11.31 -39.38
CA LEU A 705 5.25 -11.50 -40.74
C LEU A 705 4.89 -10.30 -41.62
N ARG A 706 5.61 -10.16 -42.72
CA ARG A 706 5.27 -9.16 -43.72
C ARG A 706 4.01 -9.57 -44.47
N GLY A 707 3.09 -8.62 -44.67
CA GLY A 707 1.81 -8.93 -45.28
C GLY A 707 0.93 -7.74 -45.57
N ASP A 708 -0.39 -7.93 -45.62
CA ASP A 708 -1.27 -6.83 -46.01
C ASP A 708 -1.59 -5.95 -44.80
N GLY A 709 -2.82 -5.98 -44.29
CA GLY A 709 -3.26 -5.10 -43.24
C GLY A 709 -2.83 -5.50 -41.85
N PRO A 710 -3.81 -5.75 -40.98
CA PRO A 710 -3.52 -5.82 -39.53
C PRO A 710 -2.56 -6.93 -39.17
N ILE A 711 -1.64 -6.64 -38.25
CA ILE A 711 -0.68 -7.63 -37.79
C ILE A 711 -1.32 -8.79 -37.05
N SER A 712 -2.59 -8.66 -36.67
CA SER A 712 -3.30 -9.76 -36.02
C SER A 712 -3.41 -10.97 -36.93
N LYS A 713 -3.21 -10.80 -38.24
CA LYS A 713 -3.31 -11.91 -39.18
C LYS A 713 -1.95 -12.48 -39.59
N ARG A 714 -0.88 -11.67 -39.52
CA ARG A 714 0.46 -12.11 -39.90
C ARG A 714 1.25 -12.70 -38.75
N ALA A 715 0.63 -12.88 -37.58
CA ALA A 715 1.32 -13.47 -36.45
C ALA A 715 1.47 -14.97 -36.67
N ILE A 716 2.69 -15.46 -36.50
CA ILE A 716 2.98 -16.89 -36.59
C ILE A 716 3.54 -17.34 -35.25
N LEU A 717 3.19 -18.55 -34.84
CA LEU A 717 3.77 -19.13 -33.64
C LEU A 717 5.28 -19.15 -33.78
N ALA A 718 5.96 -18.46 -32.86
CA ALA A 718 7.40 -18.24 -32.98
C ALA A 718 8.17 -19.54 -33.15
N GLU A 719 7.67 -20.64 -32.58
CA GLU A 719 8.32 -21.94 -32.75
C GLU A 719 8.23 -22.42 -34.19
N GLU A 720 7.32 -21.88 -34.99
CA GLU A 720 7.13 -22.30 -36.37
C GLU A 720 7.75 -21.35 -37.38
N PHE A 721 8.55 -20.39 -36.92
CA PHE A 721 9.21 -19.47 -37.85
C PHE A 721 10.38 -20.17 -38.54
N ASP A 722 10.59 -19.79 -39.79
CA ASP A 722 11.59 -20.41 -40.65
C ASP A 722 11.96 -19.39 -41.72
N LEU A 723 13.22 -18.95 -41.72
CA LEU A 723 13.63 -17.85 -42.60
C LEU A 723 13.62 -18.26 -44.06
N ARG A 724 13.95 -19.51 -44.36
CA ARG A 724 13.88 -19.99 -45.75
C ARG A 724 12.47 -20.00 -46.29
N LYS A 725 11.48 -19.80 -45.44
CA LYS A 725 10.06 -19.90 -45.78
C LYS A 725 9.30 -18.60 -45.59
N HIS A 726 9.57 -17.89 -44.50
CA HIS A 726 8.85 -16.68 -44.14
C HIS A 726 9.82 -15.50 -44.09
N LYS A 727 9.25 -14.30 -43.94
CA LYS A 727 10.02 -13.10 -43.64
C LYS A 727 9.21 -12.26 -42.66
N TYR A 728 9.87 -11.80 -41.60
CA TYR A 728 9.19 -10.98 -40.61
C TYR A 728 9.00 -9.57 -41.12
N ASP A 729 7.99 -8.90 -40.58
CA ASP A 729 7.69 -7.51 -40.94
C ASP A 729 8.75 -6.61 -40.32
N ALA A 730 9.78 -6.27 -41.10
CA ALA A 730 10.82 -5.39 -40.60
C ALA A 730 10.25 -4.01 -40.25
N GLU A 731 9.29 -3.53 -41.04
CA GLU A 731 8.70 -2.22 -40.77
C GLU A 731 7.96 -2.20 -39.44
N TYR A 732 7.41 -3.34 -39.02
CA TYR A 732 6.75 -3.41 -37.73
C TYR A 732 7.75 -3.27 -36.59
N TYR A 733 8.82 -4.05 -36.63
CA TYR A 733 9.80 -4.02 -35.55
C TYR A 733 10.65 -2.75 -35.55
N ILE A 734 10.69 -2.03 -36.66
CA ILE A 734 11.35 -0.72 -36.67
C ILE A 734 10.44 0.33 -36.05
N GLU A 735 9.20 0.42 -36.53
CA GLU A 735 8.30 1.50 -36.15
C GLU A 735 7.54 1.23 -34.85
N ASN A 736 7.32 -0.03 -34.49
CA ASN A 736 6.52 -0.37 -33.32
C ASN A 736 7.33 -0.96 -32.17
N GLN A 737 8.61 -1.27 -32.37
CA GLN A 737 9.41 -1.90 -31.33
C GLN A 737 10.68 -1.10 -31.04
N VAL A 738 11.60 -1.00 -32.01
CA VAL A 738 12.90 -0.39 -31.73
C VAL A 738 12.77 1.11 -31.53
N LEU A 739 12.14 1.81 -32.48
CA LEU A 739 12.04 3.26 -32.39
C LEU A 739 11.23 3.72 -31.18
N PRO A 740 10.06 3.17 -30.87
CA PRO A 740 9.37 3.60 -29.63
C PRO A 740 10.17 3.36 -28.36
N ALA A 741 11.20 2.52 -28.42
CA ALA A 741 12.01 2.24 -27.24
C ALA A 741 13.11 3.28 -27.01
N VAL A 742 13.46 4.06 -28.04
CA VAL A 742 14.64 4.92 -27.95
C VAL A 742 14.33 6.34 -28.41
N LEU A 743 13.14 6.57 -28.98
CA LEU A 743 12.88 7.83 -29.67
C LEU A 743 12.95 9.02 -28.72
N ARG A 744 12.12 9.01 -27.66
CA ARG A 744 12.09 10.17 -26.77
C ARG A 744 13.39 10.33 -25.99
N ILE A 745 14.15 9.25 -25.78
CA ILE A 745 15.49 9.38 -25.21
C ILE A 745 16.35 10.22 -26.13
N LEU A 746 16.38 9.89 -27.42
CA LEU A 746 17.16 10.63 -28.39
C LEU A 746 16.52 11.94 -28.79
N GLU A 747 15.19 12.06 -28.65
CA GLU A 747 14.55 13.35 -28.87
C GLU A 747 15.01 14.39 -27.86
N ALA A 748 15.40 13.95 -26.66
CA ALA A 748 15.92 14.86 -25.65
C ALA A 748 17.26 15.47 -26.04
N PHE A 749 17.91 14.96 -27.09
CA PHE A 749 19.18 15.49 -27.57
C PHE A 749 19.05 16.17 -28.92
N GLY A 750 17.83 16.49 -29.35
CA GLY A 750 17.61 17.18 -30.60
C GLY A 750 17.37 16.28 -31.80
N TYR A 751 17.67 14.99 -31.70
CA TYR A 751 17.46 14.08 -32.82
C TYR A 751 15.97 13.77 -32.97
N ARG A 752 15.65 13.09 -34.06
CA ARG A 752 14.25 12.81 -34.36
C ARG A 752 14.11 11.49 -35.08
N LYS A 753 12.85 11.04 -35.18
CA LYS A 753 12.53 9.78 -35.84
C LYS A 753 13.10 9.72 -37.24
N GLU A 754 13.17 10.87 -37.92
CA GLU A 754 13.77 10.92 -39.26
C GLU A 754 15.25 10.55 -39.23
N ASP A 755 15.93 10.81 -38.11
CA ASP A 755 17.38 10.67 -38.03
C ASP A 755 17.82 9.27 -37.62
N LEU A 756 16.88 8.36 -37.42
CA LEU A 756 17.20 7.04 -36.88
C LEU A 756 16.87 5.90 -37.83
N ARG A 757 16.50 6.19 -39.09
CA ARG A 757 16.09 5.15 -40.02
C ARG A 757 17.12 4.96 -41.14
N TRP A 758 16.66 4.45 -42.28
CA TRP A 758 17.50 3.78 -43.28
C TRP A 758 18.50 2.85 -42.60
#